data_8H5B
#
_entry.id   8H5B
#
loop_
_entity.id
_entity.type
_entity.pdbx_description
1 polymer 'Importin subunit beta-5'
2 polymer 'TATA-box-binding protein'
#
loop_
_entity_poly.entity_id
_entity_poly.type
_entity_poly.pdbx_seq_one_letter_code
_entity_poly.pdbx_strand_id
1 'polypeptide(L)'
;MDINELIIGAQSADKHTREVAETQLLQWCDSDASQVFKALANVALQHEASLESRQFALLSLRKLITMYWSPGFESYRSTS
NVEIDVKDFIREVLLKLCLNDNENTKIKNGASYCIVQISAVDFPDQWPQLLTVIYDAISHQHSLNAMSLLNEIYDDVVSE
EMFFEGGIGLATMEIVFKVLNTETSTLIAKIAALKLLKACLLQMSSHNEYDEASRKSFVSQCLATSLQILGQLLTLNFGN
VDVISQLKFKSIIYENLVFIKNDFSRKHFSSELQKQFKIMAIQDLENVTHINANVETTESEPLLETVHDCSIYIVEFLTS
VCTLQFSVEEMNKIITSLTILCQLSSETREIWTSDFNTFVSKETGLAASYNVRDQANEFFTSLPNPQLSLIFKVVSNDIE
HSTCNYSTLESLLYLLQCILLNDDEITGENIDQSLQILIKTLENILVSQEIPELILARAILTIPRVLDKFIDALPDIKPL
TSAFLAKSLNLALKSDKELIKSATLIAFTYYCYFAELDSVLGPEVCSETQEKVIRIINQVSSDAEEDTNGALMEVLSQVI
SYNPKEPHSRKEILQAEFHLVFTISSEDPANVQVVVQSQECLEKLLDNINMDNYKNYIELCLPSFINVLDSNNANNYRYS
PLLSLVLEFITVFLKKKPNDGFLPDEINQYLFEPLAKVLAFSTEDETLQLATEAFSYLIFNTDTRAMEPRLMDIMKVLER
LLSLEVSDSAAMNVGPLVVAIFTRFSKEIQPLIGRILEAVVVRLIKTQNISTEQNLLSVLCFLTCNDPKQTVDFLSSFQI
DNTDALTLVMRKWIEAFEVIRGEKRIKENIVALSNLFFLNDKRLQKVVVNGNLIPYEGDLIITRSMAKKMPDRYVQVPLY
TKIIKLFVSELSFQSKQPNPEQLITSDIKQEVVNANKDDDNDDWEDVDDVLDYDKLKEYIDDDVDEEADDDSDDITGLMD
VKESVVQLLVRFFKEVASKDVSGFHCIYETLSDSERKVLSEALL
;
A
2 'polypeptide(L)'
;SGIVPTLQNIVATVTLGCRLDLKTVALHARNAEYNPKRFAAVIMRIREPKTTALIFASGKMVVTGAKSEDDSKLASRKYA
RIIQKIGFAAKFTDFKIQNIVGSCDVKFPIRLEGLAFSHGTFSSYEPELFPGLIYRMVKPKIVLLIFVSGKIVLTGAKQR
EEIYQAFEAIYPVLSEFRKM
;
B
#
# COMPACT_ATOMS: atom_id res chain seq x y z
N ASN A 4 -44.00 -20.40 -20.02
CA ASN A 4 -44.71 -19.38 -19.20
C ASN A 4 -45.02 -19.92 -17.81
N GLU A 5 -45.90 -20.93 -17.76
CA GLU A 5 -46.26 -21.54 -16.48
C GLU A 5 -45.01 -22.01 -15.75
N LEU A 6 -44.10 -22.69 -16.46
CA LEU A 6 -42.85 -23.11 -15.84
C LEU A 6 -41.99 -21.90 -15.47
N ILE A 7 -42.00 -20.87 -16.31
CA ILE A 7 -41.30 -19.63 -15.96
C ILE A 7 -41.96 -18.99 -14.74
N ILE A 8 -43.29 -19.02 -14.68
CA ILE A 8 -43.99 -18.48 -13.51
C ILE A 8 -43.56 -19.20 -12.24
N GLY A 9 -43.54 -20.54 -12.28
CA GLY A 9 -43.11 -21.28 -11.10
C GLY A 9 -41.66 -21.02 -10.75
N ALA A 10 -40.78 -21.02 -11.75
CA ALA A 10 -39.38 -20.72 -11.50
C ALA A 10 -39.21 -19.32 -10.92
N GLN A 11 -39.92 -18.35 -11.48
CA GLN A 11 -39.88 -16.98 -10.98
C GLN A 11 -40.82 -16.79 -9.80
N HIS A 16 -38.83 -19.36 -0.71
CA HIS A 16 -37.86 -20.03 -1.56
C HIS A 16 -38.54 -21.04 -2.49
N THR A 17 -39.87 -21.14 -2.40
CA THR A 17 -40.59 -22.09 -3.23
C THR A 17 -40.29 -21.87 -4.71
N ARG A 18 -40.05 -20.62 -5.09
CA ARG A 18 -39.64 -20.33 -6.47
C ARG A 18 -38.28 -20.93 -6.78
N GLU A 19 -37.38 -20.94 -5.78
CA GLU A 19 -36.07 -21.53 -5.98
C GLU A 19 -36.19 -23.02 -6.29
N VAL A 20 -36.95 -23.77 -5.49
CA VAL A 20 -37.12 -25.19 -5.75
C VAL A 20 -37.86 -25.39 -7.06
N ALA A 21 -38.81 -24.51 -7.38
CA ALA A 21 -39.56 -24.64 -8.62
C ALA A 21 -38.64 -24.52 -9.84
N GLU A 22 -37.71 -23.55 -9.82
CA GLU A 22 -36.78 -23.41 -10.93
C GLU A 22 -35.75 -24.54 -10.97
N THR A 23 -35.64 -25.34 -9.91
CA THR A 23 -34.79 -26.52 -9.98
C THR A 23 -35.28 -27.47 -11.07
N GLN A 24 -36.58 -27.50 -11.34
CA GLN A 24 -37.07 -28.34 -12.44
C GLN A 24 -36.54 -27.83 -13.78
N LEU A 25 -36.55 -26.51 -13.98
CA LEU A 25 -35.95 -25.95 -15.19
C LEU A 25 -34.48 -26.30 -15.28
N LEU A 26 -33.76 -26.19 -14.16
CA LEU A 26 -32.34 -26.53 -14.16
C LEU A 26 -32.12 -27.99 -14.52
N GLN A 27 -32.94 -28.89 -13.97
CA GLN A 27 -32.84 -30.31 -14.29
C GLN A 27 -33.12 -30.55 -15.77
N TRP A 28 -34.13 -29.88 -16.32
CA TRP A 28 -34.39 -30.01 -17.75
C TRP A 28 -33.20 -29.50 -18.57
N CYS A 29 -32.61 -28.38 -18.15
CA CYS A 29 -31.44 -27.85 -18.85
C CYS A 29 -30.28 -28.85 -18.81
N ASP A 30 -30.14 -29.58 -17.70
CA ASP A 30 -29.08 -30.58 -17.64
C ASP A 30 -29.13 -31.49 -18.85
N SER A 31 -30.33 -31.84 -19.30
CA SER A 31 -30.52 -32.49 -20.59
C SER A 31 -30.56 -31.42 -21.69
N ASP A 32 -30.05 -31.79 -22.86
CA ASP A 32 -30.16 -31.00 -24.10
C ASP A 32 -30.12 -29.49 -23.83
N ALA A 33 -29.02 -29.04 -23.22
CA ALA A 33 -28.84 -27.61 -22.97
C ALA A 33 -28.93 -26.81 -24.27
N SER A 34 -28.36 -27.36 -25.35
CA SER A 34 -28.41 -26.65 -26.64
C SER A 34 -29.84 -26.35 -27.05
N GLN A 35 -30.70 -27.38 -27.07
CA GLN A 35 -32.10 -27.16 -27.41
C GLN A 35 -32.80 -26.33 -26.34
N VAL A 36 -32.42 -26.52 -25.08
CA VAL A 36 -33.02 -25.74 -24.00
C VAL A 36 -32.84 -24.25 -24.25
N PHE A 37 -31.71 -23.86 -24.82
CA PHE A 37 -31.43 -22.44 -25.01
C PHE A 37 -32.48 -21.80 -25.92
N LYS A 38 -32.77 -22.40 -27.07
CA LYS A 38 -33.75 -21.81 -27.98
C LYS A 38 -35.15 -21.84 -27.38
N ALA A 39 -35.49 -22.92 -26.68
CA ALA A 39 -36.80 -22.99 -26.03
C ALA A 39 -36.96 -21.85 -25.03
N LEU A 40 -35.93 -21.60 -24.23
CA LEU A 40 -35.97 -20.47 -23.31
C LEU A 40 -36.11 -19.15 -24.07
N ALA A 41 -35.29 -18.96 -25.10
CA ALA A 41 -35.33 -17.72 -25.86
C ALA A 41 -36.72 -17.45 -26.41
N ASN A 42 -37.44 -18.52 -26.79
CA ASN A 42 -38.78 -18.35 -27.33
C ASN A 42 -39.69 -17.68 -26.31
N VAL A 43 -39.60 -18.09 -25.03
CA VAL A 43 -40.48 -17.55 -24.01
C VAL A 43 -40.39 -16.03 -23.97
N ALA A 44 -39.19 -15.49 -23.73
CA ALA A 44 -39.04 -14.05 -23.69
C ALA A 44 -39.38 -13.43 -25.05
N LEU A 45 -39.03 -14.11 -26.13
CA LEU A 45 -39.43 -13.66 -27.46
C LEU A 45 -40.94 -13.44 -27.55
N GLN A 46 -41.72 -14.43 -27.13
CA GLN A 46 -43.15 -14.39 -27.35
C GLN A 46 -43.81 -13.33 -26.49
N HIS A 47 -44.86 -12.72 -27.02
CA HIS A 47 -45.67 -11.77 -26.28
C HIS A 47 -46.74 -12.44 -25.43
N GLU A 48 -46.86 -13.76 -25.49
CA GLU A 48 -47.77 -14.50 -24.62
C GLU A 48 -47.09 -14.83 -23.30
N ALA A 49 -46.53 -13.79 -22.69
CA ALA A 49 -45.85 -13.91 -21.41
C ALA A 49 -45.77 -12.53 -20.79
N SER A 50 -45.94 -12.48 -19.47
CA SER A 50 -45.85 -11.21 -18.76
C SER A 50 -44.47 -10.60 -18.97
N LEU A 51 -44.46 -9.29 -19.23
CA LEU A 51 -43.20 -8.60 -19.49
C LEU A 51 -42.20 -8.87 -18.38
N GLU A 52 -42.66 -8.85 -17.13
CA GLU A 52 -41.80 -9.23 -16.01
C GLU A 52 -41.38 -10.69 -16.11
N SER A 53 -42.29 -11.56 -16.55
CA SER A 53 -41.92 -12.97 -16.75
C SER A 53 -40.86 -13.10 -17.83
N ARG A 54 -40.96 -12.31 -18.90
CA ARG A 54 -39.94 -12.35 -19.94
C ARG A 54 -38.61 -11.86 -19.40
N GLN A 55 -38.62 -10.83 -18.56
CA GLN A 55 -37.39 -10.40 -17.91
C GLN A 55 -36.83 -11.49 -17.03
N PHE A 56 -37.70 -12.22 -16.34
CA PHE A 56 -37.25 -13.27 -15.44
C PHE A 56 -36.63 -14.40 -16.23
N ALA A 57 -37.18 -14.68 -17.42
CA ALA A 57 -36.51 -15.60 -18.34
C ALA A 57 -35.15 -15.06 -18.75
N LEU A 58 -35.07 -13.76 -19.05
CA LEU A 58 -33.77 -13.15 -19.34
C LEU A 58 -32.77 -13.43 -18.22
N LEU A 59 -33.21 -13.24 -16.97
CA LEU A 59 -32.29 -13.38 -15.84
C LEU A 59 -31.96 -14.85 -15.57
N SER A 60 -32.85 -15.76 -15.96
CA SER A 60 -32.47 -17.17 -15.96
C SER A 60 -31.39 -17.44 -16.99
N LEU A 61 -31.52 -16.84 -18.18
CA LEU A 61 -30.55 -17.08 -19.24
C LEU A 61 -29.14 -16.73 -18.81
N ARG A 62 -28.99 -15.81 -17.85
CA ARG A 62 -27.64 -15.50 -17.35
C ARG A 62 -26.95 -16.75 -16.86
N LYS A 63 -27.52 -17.41 -15.84
CA LYS A 63 -26.87 -18.61 -15.29
C LYS A 63 -26.92 -19.75 -16.29
N LEU A 64 -27.97 -19.80 -17.13
CA LEU A 64 -28.05 -20.85 -18.12
C LEU A 64 -26.86 -20.82 -19.08
N ILE A 65 -26.46 -19.62 -19.50
CA ILE A 65 -25.36 -19.48 -20.45
C ILE A 65 -24.05 -19.94 -19.81
N THR A 66 -23.78 -19.50 -18.58
CA THR A 66 -22.46 -19.73 -17.98
C THR A 66 -22.10 -21.21 -17.95
N MET A 67 -23.01 -22.06 -17.47
CA MET A 67 -22.65 -23.44 -17.17
C MET A 67 -22.16 -24.16 -18.42
N TYR A 68 -22.94 -24.11 -19.50
CA TYR A 68 -22.63 -24.86 -20.71
C TYR A 68 -22.19 -24.00 -21.88
N TRP A 69 -22.79 -22.83 -22.09
CA TRP A 69 -22.42 -22.03 -23.25
C TRP A 69 -21.00 -21.50 -23.14
N SER A 70 -20.56 -21.15 -21.93
CA SER A 70 -19.23 -20.61 -21.73
C SER A 70 -18.29 -21.74 -21.32
N PRO A 71 -17.34 -22.16 -22.17
CA PRO A 71 -16.41 -23.21 -21.75
C PRO A 71 -15.53 -22.81 -20.57
N GLY A 72 -15.39 -21.50 -20.31
CA GLY A 72 -14.56 -21.07 -19.20
C GLY A 72 -15.03 -21.64 -17.88
N PHE A 73 -16.34 -21.78 -17.70
CA PHE A 73 -16.86 -22.39 -16.48
C PHE A 73 -16.40 -23.84 -16.37
N GLU A 74 -16.41 -24.58 -17.48
CA GLU A 74 -15.96 -25.96 -17.48
C GLU A 74 -14.50 -26.06 -17.05
N GLU A 83 -25.15 -24.60 -30.16
CA GLU A 83 -25.60 -24.80 -31.53
C GLU A 83 -25.67 -23.46 -32.25
N ILE A 84 -25.34 -23.47 -33.54
CA ILE A 84 -25.20 -22.21 -34.27
C ILE A 84 -26.55 -21.52 -34.44
N ASP A 85 -27.54 -22.25 -34.93
CA ASP A 85 -28.86 -21.65 -35.13
C ASP A 85 -29.47 -21.20 -33.81
N VAL A 86 -29.27 -21.98 -32.74
CA VAL A 86 -29.89 -21.64 -31.47
C VAL A 86 -29.33 -20.34 -30.93
N LYS A 87 -28.00 -20.22 -30.87
CA LYS A 87 -27.41 -18.97 -30.38
C LYS A 87 -27.74 -17.81 -31.30
N ASP A 88 -27.70 -18.02 -32.62
CA ASP A 88 -28.05 -16.96 -33.55
C ASP A 88 -29.47 -16.47 -33.33
N PHE A 89 -30.40 -17.39 -33.08
CA PHE A 89 -31.79 -17.01 -32.82
C PHE A 89 -31.90 -16.10 -31.60
N ILE A 90 -31.16 -16.43 -30.53
CA ILE A 90 -31.16 -15.58 -29.34
C ILE A 90 -30.73 -14.16 -29.70
N ARG A 91 -29.60 -14.04 -30.39
CA ARG A 91 -29.09 -12.72 -30.73
C ARG A 91 -30.06 -11.97 -31.63
N GLU A 92 -30.66 -12.67 -32.60
CA GLU A 92 -31.57 -12.02 -33.54
C GLU A 92 -32.82 -11.50 -32.83
N VAL A 93 -33.43 -12.34 -31.99
CA VAL A 93 -34.58 -11.88 -31.22
C VAL A 93 -34.19 -10.68 -30.37
N LEU A 94 -33.06 -10.77 -29.67
CA LEU A 94 -32.64 -9.67 -28.82
C LEU A 94 -32.44 -8.40 -29.63
N LEU A 95 -31.95 -8.52 -30.87
CA LEU A 95 -31.73 -7.33 -31.69
C LEU A 95 -32.92 -6.38 -31.59
N LYS A 96 -34.12 -6.85 -31.91
CA LYS A 96 -35.28 -5.98 -31.81
C LYS A 96 -35.71 -5.78 -30.36
N LEU A 97 -35.71 -6.84 -29.55
CA LEU A 97 -36.32 -6.73 -28.23
C LEU A 97 -35.59 -5.72 -27.35
N CYS A 98 -34.26 -5.86 -27.25
CA CYS A 98 -33.49 -4.95 -26.40
C CYS A 98 -33.56 -3.51 -26.91
N LEU A 99 -33.47 -3.32 -28.22
CA LEU A 99 -33.38 -1.99 -28.81
C LEU A 99 -34.74 -1.38 -29.09
N ASN A 100 -35.83 -2.08 -28.81
CA ASN A 100 -37.16 -1.51 -29.01
C ASN A 100 -37.41 -0.41 -27.99
N ASP A 101 -37.71 0.79 -28.50
CA ASP A 101 -38.02 1.91 -27.61
C ASP A 101 -39.25 1.62 -26.75
N ASN A 102 -40.22 0.91 -27.31
CA ASN A 102 -41.46 0.64 -26.57
C ASN A 102 -41.19 -0.21 -25.34
N GLU A 103 -40.09 -0.94 -25.32
CA GLU A 103 -39.74 -1.75 -24.15
C GLU A 103 -39.33 -0.85 -22.99
N ASN A 104 -39.66 -1.30 -21.78
CA ASN A 104 -39.25 -0.57 -20.59
C ASN A 104 -37.76 -0.82 -20.31
N THR A 105 -37.18 0.08 -19.52
CA THR A 105 -35.74 0.06 -19.32
C THR A 105 -35.26 -1.27 -18.75
N LYS A 106 -36.01 -1.82 -17.80
CA LYS A 106 -35.60 -3.06 -17.14
C LYS A 106 -35.45 -4.19 -18.15
N ILE A 107 -36.39 -4.31 -19.09
CA ILE A 107 -36.34 -5.40 -20.06
C ILE A 107 -35.12 -5.27 -20.96
N LYS A 108 -34.90 -4.07 -21.49
CA LYS A 108 -33.74 -3.86 -22.36
C LYS A 108 -32.44 -4.10 -21.60
N ASN A 109 -32.38 -3.69 -20.34
CA ASN A 109 -31.17 -3.91 -19.55
C ASN A 109 -30.91 -5.40 -19.34
N GLY A 110 -31.94 -6.15 -18.95
CA GLY A 110 -31.78 -7.58 -18.80
C GLY A 110 -31.31 -8.22 -20.09
N ALA A 111 -31.88 -7.79 -21.22
CA ALA A 111 -31.41 -8.27 -22.51
C ALA A 111 -29.94 -7.93 -22.73
N SER A 112 -29.56 -6.68 -22.45
CA SER A 112 -28.19 -6.23 -22.72
C SER A 112 -27.18 -7.06 -21.94
N TYR A 113 -27.56 -7.50 -20.74
CA TYR A 113 -26.64 -8.35 -19.99
C TYR A 113 -26.34 -9.64 -20.76
N CYS A 114 -27.34 -10.20 -21.43
CA CYS A 114 -27.09 -11.35 -22.29
C CYS A 114 -26.16 -10.98 -23.43
N ILE A 115 -26.41 -9.82 -24.06
CA ILE A 115 -25.51 -9.35 -25.11
C ILE A 115 -24.08 -9.41 -24.62
N VAL A 116 -23.82 -8.82 -23.45
CA VAL A 116 -22.45 -8.62 -23.02
C VAL A 116 -21.81 -9.95 -22.67
N GLN A 117 -22.53 -10.80 -21.94
CA GLN A 117 -21.97 -12.11 -21.60
C GLN A 117 -21.59 -12.87 -22.86
N ILE A 118 -22.53 -13.02 -23.80
CA ILE A 118 -22.23 -13.83 -24.98
C ILE A 118 -21.12 -13.18 -25.81
N SER A 119 -21.17 -11.85 -25.96
CA SER A 119 -20.20 -11.17 -26.79
C SER A 119 -18.79 -11.33 -26.25
N ALA A 120 -18.57 -10.99 -24.97
CA ALA A 120 -17.22 -10.93 -24.45
C ALA A 120 -16.51 -12.27 -24.58
N VAL A 121 -17.27 -13.35 -24.72
CA VAL A 121 -16.68 -14.69 -24.82
C VAL A 121 -16.66 -15.25 -26.23
N ASP A 122 -17.59 -14.83 -27.10
CA ASP A 122 -17.80 -15.52 -28.37
C ASP A 122 -18.03 -14.61 -29.56
N PHE A 123 -17.91 -13.29 -29.41
CA PHE A 123 -18.40 -12.39 -30.44
C PHE A 123 -17.70 -12.54 -31.79
N PRO A 124 -16.37 -12.47 -31.88
CA PRO A 124 -15.73 -12.41 -33.21
C PRO A 124 -15.96 -13.66 -34.05
N ASP A 125 -15.62 -14.83 -33.50
CA ASP A 125 -15.76 -16.06 -34.24
C ASP A 125 -17.22 -16.31 -34.62
N GLN A 126 -18.13 -16.18 -33.65
CA GLN A 126 -19.53 -16.50 -33.90
C GLN A 126 -20.19 -15.46 -34.79
N TRP A 127 -20.03 -14.17 -34.48
CA TRP A 127 -20.77 -13.11 -35.19
C TRP A 127 -19.99 -11.81 -35.05
N PRO A 128 -19.12 -11.50 -36.02
CA PRO A 128 -18.48 -10.18 -36.01
C PRO A 128 -19.37 -9.06 -36.51
N GLN A 129 -20.34 -9.34 -37.38
CA GLN A 129 -21.19 -8.32 -37.98
C GLN A 129 -22.22 -7.75 -37.02
N LEU A 130 -22.32 -8.29 -35.81
CA LEU A 130 -23.17 -7.69 -34.78
C LEU A 130 -22.96 -6.18 -34.75
N LEU A 131 -21.71 -5.75 -34.92
CA LEU A 131 -21.42 -4.32 -34.97
C LEU A 131 -22.13 -3.66 -36.14
N THR A 132 -22.25 -4.36 -37.28
CA THR A 132 -22.98 -3.78 -38.42
C THR A 132 -24.43 -3.51 -38.05
N VAL A 133 -25.08 -4.44 -37.35
CA VAL A 133 -26.42 -4.20 -36.84
C VAL A 133 -26.42 -2.98 -35.93
N ILE A 134 -25.42 -2.87 -35.07
CA ILE A 134 -25.38 -1.73 -34.15
C ILE A 134 -25.26 -0.41 -34.91
N TYR A 135 -24.37 -0.34 -35.90
CA TYR A 135 -24.25 0.90 -36.66
C TYR A 135 -25.55 1.20 -37.39
N ASP A 136 -26.19 0.18 -37.96
CA ASP A 136 -27.48 0.41 -38.59
C ASP A 136 -28.47 1.04 -37.62
N ALA A 137 -28.58 0.48 -36.42
CA ALA A 137 -29.51 1.01 -35.43
C ALA A 137 -29.15 2.43 -35.01
N ILE A 138 -27.90 2.64 -34.60
CA ILE A 138 -27.52 3.91 -34.00
C ILE A 138 -27.52 5.03 -35.04
N SER A 139 -27.16 4.72 -36.28
CA SER A 139 -27.07 5.70 -37.35
C SER A 139 -28.40 5.90 -38.06
N HIS A 140 -28.96 4.83 -38.65
CA HIS A 140 -30.21 4.97 -39.40
C HIS A 140 -31.39 5.21 -38.46
N GLN A 141 -31.43 4.51 -37.33
CA GLN A 141 -32.56 4.61 -36.41
C GLN A 141 -32.30 5.54 -35.23
N HIS A 142 -31.05 5.94 -35.00
CA HIS A 142 -30.72 6.87 -33.91
C HIS A 142 -31.15 6.29 -32.56
N SER A 143 -31.10 4.96 -32.46
CA SER A 143 -31.59 4.26 -31.27
C SER A 143 -30.76 4.65 -30.06
N LEU A 144 -31.40 5.29 -29.08
CA LEU A 144 -30.71 5.67 -27.86
C LEU A 144 -30.15 4.46 -27.15
N ASN A 145 -30.93 3.39 -27.04
CA ASN A 145 -30.43 2.16 -26.42
C ASN A 145 -29.22 1.63 -27.17
N ALA A 146 -29.28 1.65 -28.50
CA ALA A 146 -28.22 1.00 -29.28
C ALA A 146 -26.86 1.64 -29.03
N MET A 147 -26.81 2.97 -28.98
CA MET A 147 -25.52 3.63 -28.83
C MET A 147 -24.90 3.37 -27.46
N SER A 148 -25.69 3.49 -26.39
CA SER A 148 -25.16 3.25 -25.05
C SER A 148 -24.79 1.79 -24.87
N LEU A 149 -25.60 0.89 -25.43
CA LEU A 149 -25.29 -0.53 -25.43
C LEU A 149 -23.96 -0.78 -26.14
N LEU A 150 -23.75 -0.11 -27.28
CA LEU A 150 -22.47 -0.21 -27.97
C LEU A 150 -21.34 0.29 -27.09
N ASN A 151 -21.53 1.44 -26.44
CA ASN A 151 -20.53 1.95 -25.51
C ASN A 151 -20.16 0.88 -24.48
N GLU A 152 -21.15 0.32 -23.82
CA GLU A 152 -20.90 -0.74 -22.85
C GLU A 152 -20.08 -1.86 -23.49
N ILE A 153 -20.54 -2.38 -24.62
CA ILE A 153 -19.85 -3.50 -25.26
C ILE A 153 -18.44 -3.11 -25.65
N TYR A 154 -18.17 -1.81 -25.75
CA TYR A 154 -16.87 -1.34 -26.21
C TYR A 154 -15.76 -2.08 -25.48
N ASP A 155 -15.70 -1.94 -24.15
CA ASP A 155 -14.68 -2.61 -23.37
C ASP A 155 -14.70 -4.12 -23.60
N ASP A 156 -15.88 -4.68 -23.89
CA ASP A 156 -15.99 -6.14 -23.95
C ASP A 156 -15.06 -6.74 -25.00
N VAL A 157 -15.06 -6.19 -26.22
CA VAL A 157 -14.32 -6.78 -27.32
C VAL A 157 -13.50 -5.77 -28.10
N VAL A 158 -13.70 -4.47 -27.90
CA VAL A 158 -13.07 -3.46 -28.76
C VAL A 158 -11.61 -3.37 -28.33
N SER A 159 -10.75 -4.08 -29.06
CA SER A 159 -9.32 -4.07 -28.83
C SER A 159 -8.65 -3.04 -29.74
N GLU A 160 -7.47 -2.56 -29.31
CA GLU A 160 -6.69 -1.65 -30.14
C GLU A 160 -6.47 -2.24 -31.53
N GLU A 161 -6.14 -3.53 -31.59
CA GLU A 161 -6.02 -4.19 -32.88
C GLU A 161 -7.32 -4.10 -33.65
N MET A 162 -8.40 -4.62 -33.08
CA MET A 162 -9.72 -4.50 -33.69
C MET A 162 -10.11 -3.04 -33.86
N PHE A 163 -9.62 -2.17 -32.97
CA PHE A 163 -9.95 -0.76 -33.06
C PHE A 163 -9.47 -0.20 -34.39
N PHE A 164 -8.18 -0.39 -34.71
CA PHE A 164 -7.59 0.07 -35.96
C PHE A 164 -7.63 -0.99 -37.05
N GLU A 165 -6.94 -2.11 -36.83
CA GLU A 165 -6.88 -3.16 -37.86
C GLU A 165 -8.25 -3.73 -38.15
N GLY A 166 -9.06 -3.96 -37.10
CA GLY A 166 -10.44 -4.32 -37.33
C GLY A 166 -11.21 -3.19 -38.01
N GLY A 167 -10.66 -1.98 -37.97
CA GLY A 167 -11.30 -0.80 -38.53
C GLY A 167 -12.50 -0.34 -37.76
N ILE A 168 -12.84 -1.01 -36.65
CA ILE A 168 -14.05 -0.70 -35.92
C ILE A 168 -13.98 0.72 -35.36
N GLY A 169 -12.88 1.05 -34.70
CA GLY A 169 -12.73 2.38 -34.13
C GLY A 169 -13.08 3.47 -35.11
N LEU A 170 -12.74 3.28 -36.38
CA LEU A 170 -13.04 4.29 -37.39
C LEU A 170 -14.55 4.48 -37.55
N ALA A 171 -15.29 3.39 -37.72
CA ALA A 171 -16.74 3.47 -37.79
C ALA A 171 -17.31 4.12 -36.53
N THR A 172 -16.79 3.73 -35.37
CA THR A 172 -17.27 4.34 -34.14
C THR A 172 -17.08 5.85 -34.16
N MET A 173 -15.84 6.31 -34.32
CA MET A 173 -15.58 7.74 -34.28
C MET A 173 -16.43 8.50 -35.29
N GLU A 174 -16.50 7.99 -36.52
CA GLU A 174 -17.26 8.73 -37.53
C GLU A 174 -18.74 8.78 -37.18
N ILE A 175 -19.27 7.69 -36.60
CA ILE A 175 -20.62 7.74 -36.07
C ILE A 175 -20.75 8.83 -35.00
N VAL A 176 -19.79 8.91 -34.09
CA VAL A 176 -19.85 9.91 -33.04
C VAL A 176 -19.89 11.31 -33.62
N PHE A 177 -18.99 11.62 -34.55
CA PHE A 177 -19.01 12.95 -35.13
C PHE A 177 -20.30 13.20 -35.90
N LYS A 178 -20.78 12.22 -36.65
CA LYS A 178 -22.09 12.36 -37.29
C LYS A 178 -23.15 12.78 -36.28
N VAL A 179 -23.25 12.05 -35.17
CA VAL A 179 -24.30 12.34 -34.19
C VAL A 179 -24.12 13.73 -33.60
N LEU A 180 -22.88 14.10 -33.27
CA LEU A 180 -22.65 15.41 -32.67
C LEU A 180 -22.83 16.53 -33.68
N ASN A 181 -22.84 16.21 -34.98
CA ASN A 181 -23.23 17.20 -35.97
C ASN A 181 -24.73 17.44 -35.94
N THR A 182 -25.52 16.40 -35.72
CA THR A 182 -26.97 16.51 -35.75
C THR A 182 -27.43 17.25 -34.51
N GLU A 183 -27.59 18.57 -34.63
CA GLU A 183 -28.19 19.34 -33.55
C GLU A 183 -29.62 18.91 -33.31
N THR A 184 -30.26 18.27 -34.31
CA THR A 184 -31.63 17.83 -34.15
C THR A 184 -31.72 16.69 -33.13
N SER A 185 -30.64 15.93 -32.96
CA SER A 185 -30.64 14.84 -31.99
C SER A 185 -30.77 15.41 -30.58
N THR A 186 -31.46 14.65 -29.74
CA THR A 186 -31.78 15.12 -28.40
C THR A 186 -30.54 15.13 -27.50
N LEU A 187 -30.61 15.96 -26.45
CA LEU A 187 -29.56 15.96 -25.44
C LEU A 187 -29.31 14.58 -24.88
N ILE A 188 -30.38 13.80 -24.67
CA ILE A 188 -30.23 12.47 -24.11
C ILE A 188 -29.40 11.60 -25.03
N ALA A 189 -29.63 11.72 -26.35
CA ALA A 189 -28.79 11.00 -27.30
C ALA A 189 -27.33 11.39 -27.14
N LYS A 190 -27.07 12.70 -27.01
CA LYS A 190 -25.70 13.19 -26.99
C LYS A 190 -24.98 12.78 -25.71
N ILE A 191 -25.72 12.56 -24.61
CA ILE A 191 -25.07 12.08 -23.39
C ILE A 191 -24.37 10.75 -23.65
N ALA A 192 -25.13 9.74 -24.09
CA ALA A 192 -24.53 8.44 -24.35
C ALA A 192 -23.53 8.53 -25.49
N ALA A 193 -23.72 9.46 -26.42
CA ALA A 193 -22.70 9.69 -27.44
C ALA A 193 -21.38 10.10 -26.80
N LEU A 194 -21.42 11.04 -25.85
CA LEU A 194 -20.22 11.48 -25.17
C LEU A 194 -19.58 10.34 -24.38
N LYS A 195 -20.40 9.50 -23.75
CA LYS A 195 -19.85 8.35 -23.04
C LYS A 195 -19.18 7.39 -24.02
N LEU A 196 -19.77 7.20 -25.21
CA LEU A 196 -19.11 6.48 -26.28
C LEU A 196 -17.76 7.11 -26.59
N LEU A 197 -17.70 8.45 -26.61
CA LEU A 197 -16.45 9.13 -26.89
C LEU A 197 -15.39 8.79 -25.85
N LYS A 198 -15.73 8.84 -24.57
CA LYS A 198 -14.75 8.39 -23.57
C LYS A 198 -14.34 6.94 -23.77
N ALA A 199 -15.31 6.07 -24.00
CA ALA A 199 -14.94 4.69 -24.27
C ALA A 199 -13.87 4.64 -25.36
N CYS A 200 -14.08 5.40 -26.44
CA CYS A 200 -13.07 5.49 -27.49
C CYS A 200 -11.73 5.96 -26.95
N LEU A 201 -11.73 7.01 -26.13
CA LEU A 201 -10.47 7.60 -25.67
C LEU A 201 -9.59 6.61 -24.93
N LEU A 202 -10.18 5.58 -24.31
CA LEU A 202 -9.37 4.66 -23.53
C LEU A 202 -8.39 3.91 -24.41
N GLN A 203 -8.83 3.47 -25.59
CA GLN A 203 -7.90 2.84 -26.52
C GLN A 203 -6.83 3.83 -26.96
N MET A 204 -7.16 5.12 -27.01
CA MET A 204 -6.16 6.15 -27.32
C MET A 204 -5.13 6.25 -26.20
N SER A 205 -5.55 5.92 -24.97
CA SER A 205 -4.66 6.11 -23.82
C SER A 205 -3.35 5.37 -23.98
N SER A 206 -3.40 4.07 -24.29
CA SER A 206 -2.20 3.25 -24.23
C SER A 206 -1.22 3.59 -25.34
N HIS A 207 -1.73 4.04 -26.49
CA HIS A 207 -0.87 4.27 -27.65
C HIS A 207 0.08 5.44 -27.47
N ASN A 208 -0.08 6.24 -26.42
CA ASN A 208 0.74 7.45 -26.27
C ASN A 208 2.22 7.11 -26.15
N GLU A 209 2.56 6.10 -25.36
CA GLU A 209 3.98 5.82 -25.09
C GLU A 209 4.69 5.34 -26.35
N TYR A 210 4.10 4.41 -27.08
CA TYR A 210 4.65 3.92 -28.34
C TYR A 210 3.69 4.27 -29.47
N ASP A 211 4.21 4.86 -30.53
CA ASP A 211 3.39 5.44 -31.59
C ASP A 211 3.70 4.74 -32.91
N GLU A 212 2.67 4.59 -33.74
CA GLU A 212 2.80 4.01 -35.08
C GLU A 212 2.22 4.99 -36.10
N ALA A 213 2.99 5.27 -37.16
CA ALA A 213 2.63 6.31 -38.10
C ALA A 213 1.16 6.26 -38.49
N SER A 214 0.71 5.14 -39.06
CA SER A 214 -0.65 5.08 -39.58
C SER A 214 -1.66 5.39 -38.49
N ARG A 215 -1.71 4.55 -37.44
CA ARG A 215 -2.75 4.72 -36.43
C ARG A 215 -2.52 5.98 -35.61
N LYS A 216 -1.27 6.39 -35.39
CA LYS A 216 -1.05 7.61 -34.62
C LYS A 216 -1.62 8.82 -35.35
N SER A 217 -1.47 8.87 -36.68
CA SER A 217 -2.04 9.98 -37.44
C SER A 217 -3.56 10.03 -37.30
N PHE A 218 -4.21 8.88 -37.46
CA PHE A 218 -5.67 8.85 -37.33
C PHE A 218 -6.08 9.25 -35.92
N VAL A 219 -5.35 8.77 -34.91
CA VAL A 219 -5.67 9.13 -33.53
C VAL A 219 -5.55 10.64 -33.32
N SER A 220 -4.47 11.24 -33.82
CA SER A 220 -4.29 12.67 -33.66
C SER A 220 -5.40 13.45 -34.35
N GLN A 221 -5.77 13.02 -35.56
CA GLN A 221 -6.88 13.67 -36.25
C GLN A 221 -8.17 13.52 -35.45
N CYS A 222 -8.39 12.35 -34.86
CA CYS A 222 -9.57 12.13 -34.03
C CYS A 222 -9.60 13.11 -32.86
N LEU A 223 -8.47 13.23 -32.15
CA LEU A 223 -8.40 14.18 -31.05
C LEU A 223 -8.71 15.59 -31.53
N ALA A 224 -8.04 16.03 -32.60
CA ALA A 224 -8.22 17.40 -33.05
C ALA A 224 -9.67 17.68 -33.45
N THR A 225 -10.28 16.74 -34.17
CA THR A 225 -11.70 16.87 -34.49
C THR A 225 -12.54 16.95 -33.22
N SER A 226 -12.32 16.02 -32.29
CA SER A 226 -13.12 15.96 -31.08
C SER A 226 -13.09 17.27 -30.32
N LEU A 227 -11.94 17.93 -30.28
CA LEU A 227 -11.82 19.12 -29.46
C LEU A 227 -12.77 20.22 -29.90
N GLN A 228 -12.89 20.46 -31.21
CA GLN A 228 -13.76 21.55 -31.64
C GLN A 228 -15.23 21.17 -31.51
N ILE A 229 -15.56 19.89 -31.66
CA ILE A 229 -16.92 19.45 -31.39
C ILE A 229 -17.27 19.71 -29.94
N LEU A 230 -16.36 19.36 -29.03
CA LEU A 230 -16.61 19.60 -27.61
C LEU A 230 -16.71 21.10 -27.32
N GLY A 231 -15.92 21.90 -28.01
CA GLY A 231 -16.03 23.35 -27.84
C GLY A 231 -17.39 23.88 -28.25
N GLN A 232 -17.89 23.47 -29.42
CA GLN A 232 -19.20 23.94 -29.85
C GLN A 232 -20.27 23.43 -28.89
N LEU A 233 -20.14 22.19 -28.41
CA LEU A 233 -21.09 21.70 -27.41
C LEU A 233 -21.05 22.57 -26.16
N LEU A 234 -19.85 22.97 -25.73
CA LEU A 234 -19.74 23.91 -24.62
C LEU A 234 -20.54 25.17 -24.91
N THR A 235 -20.39 25.72 -26.12
CA THR A 235 -21.11 26.95 -26.45
C THR A 235 -22.62 26.72 -26.46
N LEU A 236 -23.06 25.52 -26.81
CA LEU A 236 -24.49 25.23 -26.86
C LEU A 236 -25.11 25.36 -25.48
N ASN A 237 -26.35 25.86 -25.46
CA ASN A 237 -27.15 25.95 -24.25
C ASN A 237 -28.45 25.20 -24.46
N PHE A 238 -29.07 24.76 -23.38
CA PHE A 238 -30.26 23.95 -23.48
C PHE A 238 -31.42 24.63 -22.75
N GLY A 239 -32.63 24.15 -23.04
CA GLY A 239 -33.82 24.78 -22.49
C GLY A 239 -33.83 24.76 -20.98
N ASN A 240 -34.34 25.85 -20.39
CA ASN A 240 -34.47 25.93 -18.95
C ASN A 240 -35.53 24.98 -18.42
N VAL A 241 -36.41 24.47 -19.28
CA VAL A 241 -37.37 23.46 -18.85
C VAL A 241 -36.65 22.21 -18.36
N ASP A 242 -35.61 21.79 -19.09
CA ASP A 242 -34.80 20.62 -18.73
C ASP A 242 -33.39 21.12 -18.40
N VAL A 243 -33.17 21.44 -17.11
CA VAL A 243 -31.84 21.82 -16.67
C VAL A 243 -31.10 20.61 -16.12
N ILE A 244 -31.80 19.72 -15.41
CA ILE A 244 -31.13 18.66 -14.69
C ILE A 244 -30.31 17.80 -15.64
N SER A 245 -30.92 17.34 -16.74
CA SER A 245 -30.18 16.51 -17.68
C SER A 245 -28.96 17.26 -18.21
N GLN A 246 -29.12 18.56 -18.47
CA GLN A 246 -27.98 19.35 -18.92
C GLN A 246 -26.78 19.15 -18.01
N LEU A 247 -27.01 19.21 -16.69
CA LEU A 247 -25.92 19.00 -15.75
C LEU A 247 -25.22 17.68 -16.03
N LYS A 248 -25.99 16.58 -16.09
CA LYS A 248 -25.40 15.33 -16.51
C LYS A 248 -24.72 15.49 -17.86
N PHE A 249 -25.45 16.01 -18.85
CA PHE A 249 -24.86 16.29 -20.15
C PHE A 249 -23.58 17.09 -20.00
N LYS A 250 -23.58 18.09 -19.11
CA LYS A 250 -22.38 18.89 -18.93
C LYS A 250 -21.27 18.05 -18.31
N SER A 251 -21.57 17.32 -17.24
CA SER A 251 -20.53 16.60 -16.52
C SER A 251 -19.75 15.70 -17.46
N ILE A 252 -20.46 14.85 -18.20
CA ILE A 252 -19.79 13.92 -19.10
C ILE A 252 -18.83 14.68 -20.01
N ILE A 253 -19.27 15.81 -20.56
CA ILE A 253 -18.36 16.57 -21.42
C ILE A 253 -17.03 16.76 -20.71
N TYR A 254 -17.06 17.37 -19.53
CA TYR A 254 -15.81 17.71 -18.87
C TYR A 254 -14.96 16.47 -18.61
N GLU A 255 -15.56 15.35 -18.24
CA GLU A 255 -14.70 14.21 -17.93
C GLU A 255 -13.85 13.87 -19.16
N ASN A 256 -14.47 13.88 -20.34
CA ASN A 256 -13.69 13.68 -21.56
C ASN A 256 -12.49 14.62 -21.58
N LEU A 257 -12.74 15.92 -21.42
CA LEU A 257 -11.66 16.89 -21.40
C LEU A 257 -10.49 16.39 -20.59
N VAL A 258 -10.73 16.01 -19.33
CA VAL A 258 -9.61 15.73 -18.45
C VAL A 258 -8.81 14.56 -19.00
N PHE A 259 -9.51 13.52 -19.46
CA PHE A 259 -8.80 12.34 -19.95
C PHE A 259 -7.87 12.71 -21.10
N ILE A 260 -8.26 13.73 -21.88
CA ILE A 260 -7.40 14.21 -22.95
C ILE A 260 -6.13 14.83 -22.37
N LYS A 261 -6.28 15.72 -21.40
CA LYS A 261 -5.16 16.51 -20.92
C LYS A 261 -4.18 15.67 -20.11
N ASN A 262 -4.70 14.86 -19.17
CA ASN A 262 -3.82 14.19 -18.22
C ASN A 262 -3.25 12.89 -18.80
N ASP A 263 -3.67 12.50 -19.99
CA ASP A 263 -3.31 11.21 -20.55
C ASP A 263 -2.53 11.31 -21.85
N PHE A 264 -2.55 12.46 -22.53
CA PHE A 264 -1.96 12.59 -23.85
C PHE A 264 -0.90 13.68 -23.83
N SER A 265 0.09 13.53 -24.70
CA SER A 265 1.22 14.43 -24.73
C SER A 265 0.76 15.86 -25.07
N ARG A 266 1.50 16.83 -24.54
CA ARG A 266 1.16 18.23 -24.76
C ARG A 266 0.75 18.47 -26.21
N LYS A 267 1.59 18.02 -27.15
CA LYS A 267 1.37 18.28 -28.57
C LYS A 267 -0.09 18.07 -28.95
N HIS A 268 -0.76 17.09 -28.34
CA HIS A 268 -2.11 16.76 -28.74
C HIS A 268 -3.12 17.79 -28.25
N PHE A 269 -2.74 18.59 -27.25
CA PHE A 269 -3.59 19.66 -26.73
C PHE A 269 -2.80 20.96 -26.74
N SER A 270 -3.39 22.01 -27.32
CA SER A 270 -2.69 23.27 -27.50
C SER A 270 -3.03 24.26 -26.39
N SER A 271 -2.10 25.20 -26.16
CA SER A 271 -2.28 26.18 -25.10
C SER A 271 -3.49 27.06 -25.34
N GLU A 272 -3.71 27.48 -26.58
CA GLU A 272 -4.89 28.30 -26.89
C GLU A 272 -6.17 27.53 -26.56
N LEU A 273 -6.22 26.25 -26.92
CA LEU A 273 -7.35 25.41 -26.55
C LEU A 273 -7.51 25.37 -25.04
N GLN A 274 -6.40 25.20 -24.31
CA GLN A 274 -6.48 25.14 -22.86
C GLN A 274 -7.07 26.43 -22.29
N LYS A 275 -6.65 27.59 -22.81
CA LYS A 275 -7.18 28.85 -22.31
C LYS A 275 -8.66 29.01 -22.62
N GLN A 276 -9.06 28.69 -23.86
CA GLN A 276 -10.48 28.74 -24.20
C GLN A 276 -11.30 27.87 -23.27
N PHE A 277 -10.89 26.61 -23.11
CA PHE A 277 -11.65 25.70 -22.26
C PHE A 277 -11.62 26.14 -20.81
N LYS A 278 -10.51 26.73 -20.36
CA LYS A 278 -10.46 27.27 -19.01
C LYS A 278 -11.56 28.31 -18.81
N ILE A 279 -11.61 29.31 -19.68
CA ILE A 279 -12.59 30.38 -19.50
C ILE A 279 -14.00 29.82 -19.59
N MET A 280 -14.22 28.94 -20.56
CA MET A 280 -15.58 28.42 -20.77
C MET A 280 -16.01 27.56 -19.60
N ALA A 281 -15.10 26.75 -19.05
CA ALA A 281 -15.41 25.93 -17.90
C ALA A 281 -15.66 26.77 -16.66
N ILE A 282 -14.89 27.85 -16.47
CA ILE A 282 -15.15 28.73 -15.34
C ILE A 282 -16.53 29.36 -15.44
N GLN A 283 -16.90 29.82 -16.64
CA GLN A 283 -18.24 30.40 -16.80
C GLN A 283 -19.32 29.38 -16.52
N ASP A 284 -19.16 28.15 -17.05
CA ASP A 284 -20.14 27.11 -16.78
C ASP A 284 -20.19 26.77 -15.30
N LEU A 285 -19.04 26.78 -14.64
CA LEU A 285 -18.99 26.52 -13.20
C LEU A 285 -19.76 27.58 -12.45
N GLU A 286 -19.61 28.84 -12.85
CA GLU A 286 -20.36 29.92 -12.22
C GLU A 286 -21.86 29.72 -12.41
N ASN A 287 -22.27 29.38 -13.64
CA ASN A 287 -23.70 29.18 -13.89
C ASN A 287 -24.25 28.03 -13.07
N VAL A 288 -23.50 26.92 -13.00
CA VAL A 288 -23.92 25.77 -12.20
C VAL A 288 -23.99 26.16 -10.73
N THR A 289 -23.05 26.98 -10.27
CA THR A 289 -23.11 27.48 -8.90
C THR A 289 -24.39 28.26 -8.65
N HIS A 290 -24.81 29.07 -9.62
CA HIS A 290 -25.96 29.94 -9.40
C HIS A 290 -27.27 29.17 -9.33
N ILE A 291 -27.30 27.94 -9.84
CA ILE A 291 -28.50 27.12 -9.75
C ILE A 291 -28.47 26.28 -8.48
N PRO A 302 -31.98 14.80 -5.32
CA PRO A 302 -31.28 14.42 -6.56
C PRO A 302 -30.82 15.64 -7.37
N LEU A 303 -31.50 16.78 -7.21
CA LEU A 303 -31.09 18.00 -7.88
C LEU A 303 -29.72 18.47 -7.37
N LEU A 304 -29.60 18.60 -6.05
CA LEU A 304 -28.35 19.13 -5.48
C LEU A 304 -27.18 18.20 -5.76
N GLU A 305 -27.38 16.89 -5.55
CA GLU A 305 -26.32 15.95 -5.83
C GLU A 305 -25.96 15.95 -7.31
N THR A 306 -26.96 16.14 -8.18
CA THR A 306 -26.67 16.24 -9.62
C THR A 306 -25.74 17.40 -9.91
N VAL A 307 -26.16 18.62 -9.53
CA VAL A 307 -25.29 19.79 -9.65
C VAL A 307 -23.91 19.49 -9.11
N HIS A 308 -23.86 18.89 -7.93
CA HIS A 308 -22.62 18.86 -7.16
C HIS A 308 -21.64 17.85 -7.76
N ASP A 309 -22.17 16.70 -8.23
CA ASP A 309 -21.34 15.75 -8.96
C ASP A 309 -20.87 16.35 -10.28
N CYS A 310 -21.74 17.07 -10.98
CA CYS A 310 -21.31 17.74 -12.20
C CYS A 310 -20.10 18.63 -11.94
N SER A 311 -20.16 19.41 -10.86
CA SER A 311 -19.11 20.40 -10.62
C SER A 311 -17.73 19.77 -10.45
N ILE A 312 -17.66 18.52 -9.99
CA ILE A 312 -16.37 17.93 -9.64
C ILE A 312 -15.48 17.80 -10.87
N TYR A 313 -16.02 17.31 -11.98
CA TYR A 313 -15.20 17.17 -13.18
C TYR A 313 -14.79 18.53 -13.72
N ILE A 314 -15.67 19.52 -13.60
CA ILE A 314 -15.29 20.89 -13.93
C ILE A 314 -14.01 21.26 -13.17
N VAL A 315 -14.05 21.12 -11.84
CA VAL A 315 -12.90 21.53 -11.03
C VAL A 315 -11.68 20.69 -11.37
N GLU A 316 -11.89 19.40 -11.68
CA GLU A 316 -10.77 18.55 -12.01
C GLU A 316 -10.07 19.03 -13.29
N PHE A 317 -10.85 19.42 -14.30
CA PHE A 317 -10.23 20.04 -15.46
C PHE A 317 -9.49 21.31 -15.09
N LEU A 318 -10.16 22.22 -14.36
CA LEU A 318 -9.46 23.43 -13.94
C LEU A 318 -8.11 23.08 -13.34
N THR A 319 -8.05 22.04 -12.51
CA THR A 319 -6.77 21.57 -11.99
C THR A 319 -5.84 21.16 -13.12
N SER A 320 -6.32 20.34 -14.04
CA SER A 320 -5.45 19.81 -15.09
C SER A 320 -4.99 20.91 -16.03
N VAL A 321 -5.58 22.10 -15.93
CA VAL A 321 -5.12 23.26 -16.69
C VAL A 321 -4.65 24.32 -15.71
N CYS A 322 -4.30 23.90 -14.50
CA CYS A 322 -3.80 24.83 -13.49
C CYS A 322 -2.62 25.63 -14.00
N THR A 323 -1.81 25.03 -14.89
CA THR A 323 -0.59 25.69 -15.34
C THR A 323 -0.89 27.06 -15.95
N LEU A 324 -1.96 27.17 -16.73
CA LEU A 324 -2.27 28.42 -17.41
C LEU A 324 -2.52 29.53 -16.40
N GLN A 325 -2.10 30.74 -16.76
CA GLN A 325 -2.34 31.90 -15.91
C GLN A 325 -3.83 32.10 -15.67
N PHE A 326 -4.14 32.90 -14.65
CA PHE A 326 -5.51 33.20 -14.29
C PHE A 326 -5.61 34.69 -13.97
N SER A 327 -6.77 35.27 -14.26
CA SER A 327 -6.99 36.67 -13.93
C SER A 327 -7.50 36.80 -12.50
N VAL A 328 -7.24 37.96 -11.91
CA VAL A 328 -7.74 38.22 -10.56
C VAL A 328 -9.26 38.09 -10.53
N GLU A 329 -9.93 38.61 -11.56
CA GLU A 329 -11.38 38.44 -11.66
C GLU A 329 -11.73 36.97 -11.84
N GLU A 330 -10.95 36.24 -12.65
CA GLU A 330 -11.17 34.81 -12.79
C GLU A 330 -10.99 34.09 -11.45
N MET A 331 -9.95 34.47 -10.70
CA MET A 331 -9.72 33.87 -9.40
C MET A 331 -10.87 34.14 -8.44
N ASN A 332 -11.39 35.37 -8.45
CA ASN A 332 -12.53 35.68 -7.61
C ASN A 332 -13.78 34.91 -8.05
N LYS A 333 -13.96 34.75 -9.36
CA LYS A 333 -15.01 33.88 -9.86
C LYS A 333 -14.90 32.49 -9.24
N ILE A 334 -13.73 31.89 -9.34
CA ILE A 334 -13.53 30.52 -8.86
C ILE A 334 -13.79 30.46 -7.36
N ILE A 335 -13.27 31.43 -6.62
CA ILE A 335 -13.43 31.42 -5.17
C ILE A 335 -14.90 31.55 -4.78
N THR A 336 -15.57 32.59 -5.29
CA THR A 336 -16.97 32.82 -4.90
C THR A 336 -17.89 31.74 -5.44
N SER A 337 -17.41 30.93 -6.39
CA SER A 337 -18.22 29.81 -6.85
C SER A 337 -17.97 28.57 -6.00
N LEU A 338 -16.71 28.17 -5.84
CA LEU A 338 -16.42 27.00 -5.03
C LEU A 338 -16.92 27.18 -3.61
N THR A 339 -16.61 28.32 -2.96
CA THR A 339 -17.03 28.50 -1.58
C THR A 339 -18.53 28.26 -1.42
N ILE A 340 -19.29 28.33 -2.52
CA ILE A 340 -20.69 27.92 -2.49
C ILE A 340 -20.81 26.42 -2.74
N LEU A 341 -19.97 25.89 -3.63
CA LEU A 341 -20.02 24.45 -3.93
C LEU A 341 -19.68 23.61 -2.69
N CYS A 342 -18.66 24.01 -1.94
CA CYS A 342 -18.11 23.23 -0.85
C CYS A 342 -18.86 23.43 0.46
N GLN A 343 -19.97 24.15 0.44
CA GLN A 343 -20.85 24.15 1.59
C GLN A 343 -21.44 22.76 1.76
N LEU A 344 -21.21 22.17 2.93
CA LEU A 344 -21.79 20.87 3.20
C LEU A 344 -23.29 20.99 3.40
N SER A 345 -24.00 19.96 3.00
CA SER A 345 -25.45 19.95 3.14
C SER A 345 -25.84 19.97 4.61
N SER A 346 -27.15 20.12 4.85
CA SER A 346 -27.66 20.02 6.21
C SER A 346 -27.49 18.61 6.75
N GLU A 347 -27.71 17.60 5.89
CA GLU A 347 -27.67 16.22 6.36
C GLU A 347 -26.26 15.79 6.75
N THR A 348 -25.24 16.26 6.04
CA THR A 348 -23.86 15.93 6.44
C THR A 348 -23.49 16.62 7.75
N ARG A 349 -23.88 17.88 7.91
CA ARG A 349 -23.75 18.52 9.22
C ARG A 349 -24.41 17.66 10.29
N GLU A 350 -25.62 17.18 10.02
CA GLU A 350 -26.32 16.31 10.96
C GLU A 350 -25.53 15.05 11.24
N ILE A 351 -24.98 14.43 10.20
CA ILE A 351 -24.26 13.18 10.38
C ILE A 351 -23.06 13.38 11.31
N TRP A 352 -22.24 14.39 11.02
CA TRP A 352 -21.04 14.58 11.83
C TRP A 352 -21.39 15.12 13.21
N THR A 353 -22.58 15.71 13.37
CA THR A 353 -23.02 16.11 14.70
C THR A 353 -23.51 14.92 15.50
N SER A 354 -24.18 13.98 14.85
CA SER A 354 -24.71 12.82 15.57
C SER A 354 -23.69 11.69 15.63
N ASP A 355 -22.66 11.75 14.79
CA ASP A 355 -21.62 10.73 14.78
C ASP A 355 -20.35 11.36 14.21
N PHE A 356 -19.43 11.74 15.10
CA PHE A 356 -18.15 12.29 14.69
C PHE A 356 -17.13 11.22 14.35
N ASN A 357 -17.44 9.95 14.59
CA ASN A 357 -16.47 8.90 14.32
C ASN A 357 -16.21 8.77 12.83
N THR A 358 -17.23 8.97 12.00
CA THR A 358 -17.01 9.07 10.56
C THR A 358 -16.15 10.29 10.23
N PHE A 359 -16.44 11.43 10.87
CA PHE A 359 -15.69 12.66 10.60
C PHE A 359 -14.20 12.42 10.45
N VAL A 360 -13.59 11.71 11.40
CA VAL A 360 -12.15 11.48 11.31
C VAL A 360 -11.83 10.56 10.14
N SER A 361 -12.65 9.54 9.93
CA SER A 361 -12.44 8.66 8.79
C SER A 361 -12.34 9.47 7.51
N LYS A 362 -13.21 10.47 7.35
CA LYS A 362 -13.04 11.43 6.26
C LYS A 362 -11.73 12.18 6.37
N GLU A 363 -11.53 12.91 7.47
CA GLU A 363 -10.45 13.89 7.52
C GLU A 363 -9.10 13.26 7.21
N THR A 364 -8.83 12.08 7.76
CA THR A 364 -7.57 11.40 7.51
C THR A 364 -7.57 10.65 6.19
N GLY A 365 -8.51 10.95 5.30
CA GLY A 365 -8.56 10.32 3.99
C GLY A 365 -9.01 8.89 3.99
N LEU A 366 -9.59 8.40 5.10
CA LEU A 366 -10.01 7.01 5.14
C LEU A 366 -11.38 6.82 4.48
N ALA A 367 -12.14 7.90 4.34
CA ALA A 367 -13.48 7.80 3.75
C ALA A 367 -13.40 7.45 2.28
N ALA A 368 -14.52 6.95 1.74
CA ALA A 368 -14.62 6.73 0.31
C ALA A 368 -15.15 7.97 -0.41
N SER A 369 -16.06 8.70 0.23
CA SER A 369 -16.69 9.84 -0.43
C SER A 369 -15.66 10.88 -0.82
N TYR A 370 -15.85 11.45 -2.02
CA TYR A 370 -14.94 12.44 -2.60
C TYR A 370 -15.83 13.47 -3.28
N ASN A 371 -16.23 14.48 -2.51
CA ASN A 371 -17.12 15.50 -3.01
C ASN A 371 -16.31 16.68 -3.56
N VAL A 372 -17.02 17.75 -3.93
CA VAL A 372 -16.33 18.98 -4.31
C VAL A 372 -15.40 19.42 -3.20
N ARG A 373 -15.90 19.48 -1.96
CA ARG A 373 -15.02 19.77 -0.83
C ARG A 373 -13.78 18.89 -0.84
N ASP A 374 -13.90 17.68 -1.40
CA ASP A 374 -12.77 16.75 -1.37
C ASP A 374 -11.86 16.94 -2.58
N GLN A 375 -12.39 17.50 -3.67
CA GLN A 375 -11.59 17.66 -4.88
C GLN A 375 -10.89 19.01 -4.91
N ALA A 376 -11.53 20.04 -4.35
CA ALA A 376 -10.90 21.35 -4.29
C ALA A 376 -9.59 21.28 -3.54
N ASN A 377 -9.58 20.60 -2.39
CA ASN A 377 -8.35 20.40 -1.65
C ASN A 377 -7.24 19.82 -2.53
N GLU A 378 -7.56 18.88 -3.41
CA GLU A 378 -6.57 18.41 -4.37
C GLU A 378 -6.18 19.53 -5.33
N PHE A 379 -7.17 20.27 -5.83
CA PHE A 379 -6.93 21.31 -6.82
C PHE A 379 -5.74 22.19 -6.47
N PHE A 380 -5.83 22.92 -5.35
CA PHE A 380 -4.94 24.06 -5.16
C PHE A 380 -3.51 23.62 -4.97
N THR A 381 -3.29 22.34 -4.67
CA THR A 381 -1.94 21.84 -4.46
C THR A 381 -1.06 22.05 -5.69
N SER A 382 -1.56 21.70 -6.88
CA SER A 382 -0.69 21.60 -8.04
C SER A 382 -0.36 22.96 -8.65
N LEU A 383 -1.01 24.03 -8.20
CA LEU A 383 -0.75 25.34 -8.78
C LEU A 383 0.72 25.72 -8.59
N PRO A 384 1.34 26.40 -9.55
CA PRO A 384 2.67 26.97 -9.31
C PRO A 384 2.58 28.11 -8.30
N ASN A 385 3.75 28.66 -7.98
CA ASN A 385 3.80 29.65 -6.90
C ASN A 385 2.96 30.89 -7.18
N PRO A 386 3.24 31.71 -8.19
CA PRO A 386 2.58 33.04 -8.24
C PRO A 386 1.06 32.96 -8.23
N GLN A 387 0.48 32.02 -8.97
CA GLN A 387 -0.97 31.85 -8.94
C GLN A 387 -1.43 31.50 -7.52
N LEU A 388 -0.71 30.59 -6.87
CA LEU A 388 -1.08 30.18 -5.52
C LEU A 388 -1.02 31.37 -4.56
N SER A 389 0.04 32.18 -4.65
CA SER A 389 0.18 33.33 -3.76
C SER A 389 -0.94 34.34 -3.99
N LEU A 390 -1.27 34.61 -5.26
CA LEU A 390 -2.35 35.54 -5.53
C LEU A 390 -3.68 35.02 -5.01
N ILE A 391 -3.92 33.72 -5.16
CA ILE A 391 -5.14 33.12 -4.61
C ILE A 391 -5.17 33.26 -3.10
N PHE A 392 -4.02 33.04 -2.45
CA PHE A 392 -3.95 33.23 -1.01
C PHE A 392 -4.32 34.65 -0.62
N LYS A 393 -3.73 35.64 -1.31
CA LYS A 393 -4.11 37.02 -1.07
C LYS A 393 -5.62 37.21 -1.20
N VAL A 394 -6.20 36.70 -2.28
CA VAL A 394 -7.61 36.96 -2.54
C VAL A 394 -8.48 36.35 -1.44
N VAL A 395 -8.22 35.10 -1.08
CA VAL A 395 -9.02 34.46 -0.03
C VAL A 395 -8.79 35.15 1.30
N SER A 396 -7.63 35.78 1.47
CA SER A 396 -7.38 36.52 2.71
C SER A 396 -8.47 37.54 2.96
N ASN A 397 -8.79 38.36 1.95
CA ASN A 397 -9.84 39.36 2.11
C ASN A 397 -11.22 38.73 2.02
N ASP A 398 -11.37 37.70 1.18
CA ASP A 398 -12.67 37.04 1.07
C ASP A 398 -13.11 36.48 2.41
N ILE A 399 -12.15 36.13 3.27
CA ILE A 399 -12.49 35.66 4.61
C ILE A 399 -13.08 36.78 5.44
N GLU A 400 -12.35 37.88 5.60
CA GLU A 400 -12.85 39.00 6.39
C GLU A 400 -14.21 39.47 5.89
N HIS A 401 -14.40 39.50 4.57
CA HIS A 401 -15.68 39.93 4.03
C HIS A 401 -16.82 39.02 4.48
N SER A 402 -16.50 37.76 4.81
CA SER A 402 -17.52 36.74 5.05
C SER A 402 -17.68 36.37 6.51
N THR A 403 -16.91 36.98 7.42
CA THR A 403 -16.94 36.55 8.82
C THR A 403 -18.37 36.52 9.38
N CYS A 404 -19.23 37.44 8.92
CA CYS A 404 -20.58 37.48 9.45
C CYS A 404 -21.32 36.17 9.22
N ASN A 405 -21.54 35.80 7.96
CA ASN A 405 -22.13 34.52 7.61
C ASN A 405 -21.13 33.44 8.00
N TYR A 406 -21.60 32.43 8.74
CA TYR A 406 -20.67 31.46 9.31
C TYR A 406 -20.30 30.36 8.33
N SER A 407 -21.29 29.65 7.78
CA SER A 407 -20.98 28.50 6.92
C SER A 407 -20.11 28.91 5.75
N THR A 408 -20.27 30.14 5.26
CA THR A 408 -19.33 30.67 4.28
C THR A 408 -17.91 30.57 4.79
N LEU A 409 -17.68 31.00 6.03
CA LEU A 409 -16.33 30.94 6.60
C LEU A 409 -15.90 29.49 6.85
N GLU A 410 -16.82 28.65 7.31
CA GLU A 410 -16.53 27.23 7.40
C GLU A 410 -15.89 26.70 6.12
N SER A 411 -16.63 26.79 5.01
CA SER A 411 -16.13 26.22 3.77
C SER A 411 -14.89 26.96 3.28
N LEU A 412 -14.89 28.29 3.38
CA LEU A 412 -13.75 29.07 2.92
C LEU A 412 -12.51 28.76 3.73
N LEU A 413 -12.67 28.36 4.99
CA LEU A 413 -11.53 27.98 5.82
C LEU A 413 -11.01 26.61 5.41
N TYR A 414 -11.92 25.67 5.14
CA TYR A 414 -11.48 24.42 4.54
C TYR A 414 -10.66 24.70 3.29
N LEU A 415 -11.09 25.66 2.47
CA LEU A 415 -10.36 25.98 1.25
C LEU A 415 -9.01 26.63 1.56
N LEU A 416 -8.98 27.55 2.53
CA LEU A 416 -7.69 28.14 2.91
C LEU A 416 -6.71 27.05 3.31
N GLN A 417 -7.18 26.06 4.08
CA GLN A 417 -6.37 24.89 4.36
C GLN A 417 -5.82 24.31 3.06
N CYS A 418 -6.64 24.30 2.01
CA CYS A 418 -6.24 23.64 0.78
C CYS A 418 -4.98 24.28 0.19
N ILE A 419 -5.01 25.59 -0.01
CA ILE A 419 -3.81 26.30 -0.44
C ILE A 419 -2.68 26.03 0.54
N LEU A 420 -2.93 26.26 1.84
CA LEU A 420 -1.88 26.10 2.83
C LEU A 420 -1.19 24.74 2.71
N LEU A 421 -1.91 23.71 2.27
CA LEU A 421 -1.32 22.39 2.17
C LEU A 421 -0.24 22.35 1.09
N ASN A 422 -0.43 23.13 0.02
CA ASN A 422 0.55 23.13 -1.06
C ASN A 422 1.94 23.45 -0.50
N ASP A 423 2.91 22.63 -0.90
CA ASP A 423 4.23 22.70 -0.27
C ASP A 423 4.93 24.02 -0.58
N ASP A 424 4.79 24.51 -1.82
CA ASP A 424 5.48 25.72 -2.22
C ASP A 424 5.21 26.86 -1.25
N GLU A 425 6.18 27.75 -1.11
CA GLU A 425 6.03 28.93 -0.27
C GLU A 425 4.95 29.86 -0.84
N ILE A 426 4.51 30.79 0.00
CA ILE A 426 3.67 31.92 -0.40
C ILE A 426 4.29 33.18 0.16
N THR A 427 4.41 34.20 -0.68
CA THR A 427 5.06 35.46 -0.31
C THR A 427 4.21 36.61 -0.84
N GLY A 428 4.09 37.66 -0.03
CA GLY A 428 3.37 38.85 -0.44
C GLY A 428 3.54 39.98 0.55
N GLU A 429 3.83 41.19 0.07
CA GLU A 429 4.02 42.30 1.00
C GLU A 429 2.72 42.64 1.72
N ASN A 430 1.58 42.53 1.02
CA ASN A 430 0.30 42.64 1.70
C ASN A 430 -0.06 41.35 2.42
N ILE A 431 0.50 40.21 1.97
CA ILE A 431 0.22 38.94 2.60
C ILE A 431 0.65 38.99 4.07
N ASP A 432 1.76 39.66 4.36
CA ASP A 432 2.25 39.70 5.73
C ASP A 432 1.21 40.27 6.69
N GLN A 433 0.66 41.45 6.36
CA GLN A 433 -0.31 42.07 7.26
C GLN A 433 -1.67 41.39 7.17
N SER A 434 -2.06 40.92 5.99
CA SER A 434 -3.26 40.12 5.87
C SER A 434 -3.16 38.91 6.79
N LEU A 435 -1.96 38.39 6.99
CA LEU A 435 -1.78 37.24 7.87
C LEU A 435 -1.97 37.60 9.32
N GLN A 436 -1.43 38.74 9.77
CA GLN A 436 -1.69 39.17 11.14
C GLN A 436 -3.17 39.36 11.38
N ILE A 437 -3.86 40.03 10.44
CA ILE A 437 -5.29 40.23 10.57
C ILE A 437 -6.01 38.88 10.59
N LEU A 438 -5.58 37.95 9.73
CA LEU A 438 -6.20 36.63 9.68
C LEU A 438 -6.01 35.88 11.00
N ILE A 439 -4.83 35.95 11.58
CA ILE A 439 -4.59 35.31 12.88
C ILE A 439 -5.50 35.92 13.94
N LYS A 440 -5.65 37.24 13.92
CA LYS A 440 -6.56 37.87 14.86
C LYS A 440 -7.99 37.36 14.66
N THR A 441 -8.42 37.21 13.40
CA THR A 441 -9.75 36.66 13.14
C THR A 441 -9.86 35.23 13.63
N LEU A 442 -8.82 34.42 13.41
CA LEU A 442 -8.87 33.02 13.84
C LEU A 442 -8.98 32.92 15.36
N GLU A 443 -8.23 33.75 16.08
CA GLU A 443 -8.38 33.76 17.54
C GLU A 443 -9.76 34.23 17.94
N ASN A 444 -10.31 35.22 17.22
CA ASN A 444 -11.69 35.61 17.44
C ASN A 444 -12.63 34.40 17.31
N ILE A 445 -12.34 33.53 16.35
CA ILE A 445 -13.17 32.32 16.19
C ILE A 445 -13.18 31.53 17.49
N LEU A 446 -12.02 31.33 18.10
CA LEU A 446 -11.96 30.47 19.28
C LEU A 446 -12.56 31.16 20.51
N VAL A 447 -12.28 32.46 20.69
CA VAL A 447 -12.75 33.13 21.90
C VAL A 447 -14.27 33.21 21.92
N SER A 448 -14.89 33.36 20.76
CA SER A 448 -16.35 33.46 20.71
C SER A 448 -16.98 32.13 21.12
N GLN A 449 -18.06 32.23 21.91
CA GLN A 449 -18.73 31.06 22.46
C GLN A 449 -20.01 30.70 21.73
N GLU A 450 -20.37 31.42 20.67
CA GLU A 450 -21.57 31.15 19.90
C GLU A 450 -21.27 30.47 18.57
N ILE A 451 -20.03 30.03 18.36
CA ILE A 451 -19.61 29.55 17.04
C ILE A 451 -20.27 28.20 16.76
N PRO A 452 -20.67 27.91 15.52
CA PRO A 452 -21.17 26.57 15.21
C PRO A 452 -20.06 25.53 15.31
N GLU A 453 -20.48 24.28 15.52
CA GLU A 453 -19.54 23.21 15.83
C GLU A 453 -18.59 22.93 14.66
N LEU A 454 -19.13 22.70 13.47
CA LEU A 454 -18.28 22.31 12.34
C LEU A 454 -17.20 23.34 12.07
N ILE A 455 -17.57 24.62 12.04
CA ILE A 455 -16.61 25.65 11.67
C ILE A 455 -15.50 25.73 12.71
N LEU A 456 -15.83 25.61 13.99
CA LEU A 456 -14.79 25.62 15.01
C LEU A 456 -13.88 24.41 14.87
N ALA A 457 -14.44 23.25 14.55
CA ALA A 457 -13.60 22.07 14.35
C ALA A 457 -12.63 22.27 13.20
N ARG A 458 -13.12 22.82 12.08
CA ARG A 458 -12.24 23.10 10.96
C ARG A 458 -11.19 24.14 11.34
N ALA A 459 -11.56 25.12 12.16
CA ALA A 459 -10.59 26.13 12.58
C ALA A 459 -9.48 25.51 13.42
N ILE A 460 -9.84 24.65 14.37
CA ILE A 460 -8.83 23.94 15.16
C ILE A 460 -7.94 23.12 14.24
N LEU A 461 -8.56 22.41 13.29
CA LEU A 461 -7.81 21.48 12.45
C LEU A 461 -6.96 22.23 11.42
N THR A 462 -7.22 23.52 11.21
CA THR A 462 -6.58 24.26 10.12
C THR A 462 -5.59 25.32 10.59
N ILE A 463 -5.82 25.94 11.75
CA ILE A 463 -4.83 26.89 12.28
C ILE A 463 -3.43 26.32 12.19
N PRO A 464 -3.17 25.06 12.57
CA PRO A 464 -1.80 24.53 12.44
C PRO A 464 -1.27 24.58 11.02
N ARG A 465 -2.13 24.44 10.00
CA ARG A 465 -1.68 24.63 8.64
C ARG A 465 -1.17 26.05 8.42
N VAL A 466 -1.90 27.06 8.90
CA VAL A 466 -1.41 28.43 8.80
C VAL A 466 -0.05 28.55 9.49
N LEU A 467 0.07 27.97 10.68
CA LEU A 467 1.32 28.07 11.41
C LEU A 467 2.47 27.42 10.64
N ASP A 468 2.24 26.23 10.10
CA ASP A 468 3.29 25.51 9.38
C ASP A 468 3.70 26.27 8.12
N LYS A 469 2.72 26.78 7.37
CA LYS A 469 3.02 27.36 6.08
C LYS A 469 3.96 28.57 6.22
N PHE A 470 3.77 29.36 7.28
CA PHE A 470 4.49 30.61 7.46
C PHE A 470 5.39 30.57 8.70
N ILE A 471 5.88 29.39 9.08
CA ILE A 471 6.66 29.26 10.30
C ILE A 471 7.83 30.25 10.29
N ASP A 472 8.57 30.29 9.18
CA ASP A 472 9.68 31.24 9.07
C ASP A 472 9.17 32.67 9.05
N ALA A 473 8.05 32.92 8.37
CA ALA A 473 7.60 34.29 8.13
C ALA A 473 7.31 35.02 9.43
N LEU A 474 6.68 34.36 10.39
CA LEU A 474 6.14 35.05 11.55
C LEU A 474 7.19 35.23 12.62
N PRO A 475 7.62 36.46 12.93
CA PRO A 475 8.62 36.63 14.01
C PRO A 475 8.12 36.18 15.37
N ASP A 476 6.82 36.35 15.64
CA ASP A 476 6.23 35.94 16.91
C ASP A 476 5.73 34.50 16.87
N ILE A 477 6.28 33.69 15.98
CA ILE A 477 5.79 32.33 15.79
C ILE A 477 5.93 31.52 17.08
N LYS A 478 7.03 31.69 17.79
CA LYS A 478 7.36 30.75 18.86
C LYS A 478 6.41 30.87 20.05
N PRO A 479 6.28 32.01 20.73
CA PRO A 479 5.26 32.09 21.79
C PRO A 479 3.87 31.83 21.26
N LEU A 480 3.63 32.15 19.99
CA LEU A 480 2.30 31.96 19.41
C LEU A 480 1.93 30.48 19.34
N THR A 481 2.92 29.62 19.05
CA THR A 481 2.64 28.18 19.04
C THR A 481 2.10 27.72 20.39
N SER A 482 2.79 28.10 21.48
CA SER A 482 2.32 27.73 22.81
C SER A 482 0.96 28.36 23.10
N ALA A 483 0.77 29.62 22.70
CA ALA A 483 -0.51 30.28 22.96
C ALA A 483 -1.66 29.53 22.29
N PHE A 484 -1.52 29.22 21.00
CA PHE A 484 -2.56 28.49 20.30
C PHE A 484 -2.74 27.09 20.86
N LEU A 485 -1.65 26.40 21.20
CA LEU A 485 -1.83 25.06 21.75
C LEU A 485 -2.62 25.12 23.05
N ALA A 486 -2.26 26.05 23.95
CA ALA A 486 -3.00 26.19 25.19
C ALA A 486 -4.46 26.49 24.91
N LYS A 487 -4.73 27.50 24.07
CA LYS A 487 -6.11 27.87 23.80
C LYS A 487 -6.90 26.70 23.23
N SER A 488 -6.40 26.08 22.17
CA SER A 488 -7.13 25.00 21.50
C SER A 488 -7.33 23.81 22.42
N LEU A 489 -6.29 23.41 23.15
CA LEU A 489 -6.42 22.22 23.99
C LEU A 489 -7.33 22.47 25.19
N ASN A 490 -7.17 23.62 25.86
CA ASN A 490 -8.12 23.97 26.90
C ASN A 490 -9.55 23.95 26.36
N LEU A 491 -9.77 24.55 25.19
CA LEU A 491 -11.07 24.43 24.53
C LEU A 491 -11.44 22.96 24.37
N ALA A 492 -10.45 22.11 24.08
CA ALA A 492 -10.72 20.69 23.90
C ALA A 492 -11.05 20.01 25.22
N LEU A 493 -10.83 20.69 26.36
CA LEU A 493 -11.38 20.18 27.60
C LEU A 493 -12.89 20.31 27.64
N LYS A 494 -13.41 21.50 27.35
CA LYS A 494 -14.80 21.85 27.56
C LYS A 494 -15.52 21.75 26.21
N SER A 495 -16.26 20.67 26.04
CA SER A 495 -17.14 20.52 24.89
C SER A 495 -18.16 19.43 25.19
N ASP A 496 -19.40 19.83 25.44
CA ASP A 496 -20.46 18.84 25.61
C ASP A 496 -20.50 17.90 24.42
N LYS A 497 -20.25 18.43 23.22
CA LYS A 497 -20.11 17.64 22.02
C LYS A 497 -18.64 17.44 21.67
N GLU A 498 -18.26 16.18 21.52
CA GLU A 498 -16.87 15.80 21.37
C GLU A 498 -16.32 16.01 19.96
N LEU A 499 -17.12 16.58 19.05
CA LEU A 499 -16.62 16.81 17.71
C LEU A 499 -15.46 17.80 17.72
N ILE A 500 -15.58 18.84 18.54
CA ILE A 500 -14.46 19.78 18.71
C ILE A 500 -13.22 19.03 19.15
N LYS A 501 -13.35 18.23 20.21
CA LYS A 501 -12.25 17.36 20.61
C LYS A 501 -11.90 16.37 19.50
N SER A 502 -12.92 15.84 18.83
CA SER A 502 -12.70 14.84 17.79
C SER A 502 -11.81 15.39 16.68
N ALA A 503 -11.73 16.72 16.57
CA ALA A 503 -10.85 17.30 15.56
C ALA A 503 -9.54 17.78 16.20
N THR A 504 -9.57 18.17 17.47
CA THR A 504 -8.36 18.66 18.12
C THR A 504 -7.25 17.62 18.11
N LEU A 505 -7.60 16.34 18.31
CA LEU A 505 -6.57 15.30 18.32
C LEU A 505 -5.85 15.23 16.98
N ILE A 506 -6.61 15.12 15.90
CA ILE A 506 -6.00 15.25 14.57
C ILE A 506 -5.11 16.47 14.52
N ALA A 507 -5.63 17.62 14.93
CA ALA A 507 -4.85 18.85 14.85
C ALA A 507 -3.53 18.72 15.59
N PHE A 508 -3.49 17.86 16.62
CA PHE A 508 -2.28 17.76 17.42
C PHE A 508 -1.14 17.11 16.64
N THR A 509 -1.44 16.12 15.81
CA THR A 509 -0.40 15.56 14.94
C THR A 509 0.22 16.67 14.10
N TYR A 510 -0.63 17.49 13.48
CA TYR A 510 -0.14 18.60 12.67
C TYR A 510 0.69 19.56 13.51
N TYR A 511 0.23 19.86 14.72
CA TYR A 511 1.01 20.68 15.64
C TYR A 511 2.41 20.11 15.81
N CYS A 512 2.51 18.81 16.08
CA CYS A 512 3.80 18.15 16.27
C CYS A 512 4.56 17.96 14.97
N TYR A 513 3.93 18.24 13.83
CA TYR A 513 4.62 18.15 12.55
C TYR A 513 5.86 19.02 12.53
N PHE A 514 5.76 20.24 13.07
CA PHE A 514 6.81 21.23 12.99
C PHE A 514 7.07 21.94 14.31
N ALA A 515 6.29 21.67 15.35
CA ALA A 515 6.40 22.37 16.61
C ALA A 515 7.28 21.57 17.56
N GLU A 516 8.55 21.94 17.64
CA GLU A 516 9.50 21.28 18.53
C GLU A 516 9.22 21.77 19.96
N LEU A 517 8.00 21.49 20.41
CA LEU A 517 7.52 22.02 21.68
C LEU A 517 8.27 21.41 22.85
N ASP A 518 8.62 20.13 22.76
CA ASP A 518 9.43 19.52 23.81
C ASP A 518 10.74 20.27 23.98
N SER A 519 11.39 20.63 22.87
CA SER A 519 12.58 21.46 22.94
C SER A 519 12.22 22.89 23.39
N VAL A 520 11.21 23.48 22.77
CA VAL A 520 10.86 24.87 23.07
C VAL A 520 10.26 24.97 24.47
N LEU A 521 9.27 24.15 24.77
CA LEU A 521 8.55 24.25 26.02
C LEU A 521 9.27 23.46 27.11
N GLY A 522 9.10 23.92 28.35
CA GLY A 522 9.74 23.28 29.47
C GLY A 522 9.30 21.86 29.65
N PRO A 523 10.17 21.00 30.18
CA PRO A 523 9.78 19.60 30.38
C PRO A 523 8.54 19.46 31.24
N GLU A 524 8.38 20.32 32.25
CA GLU A 524 7.10 20.38 32.96
C GLU A 524 5.99 20.84 32.01
N VAL A 525 6.28 21.84 31.17
CA VAL A 525 5.29 22.30 30.21
C VAL A 525 4.95 21.19 29.23
N CYS A 526 5.96 20.43 28.80
CA CYS A 526 5.69 19.32 27.89
C CYS A 526 4.85 18.25 28.56
N SER A 527 5.19 17.88 29.79
CA SER A 527 4.46 16.81 30.47
C SER A 527 3.03 17.21 30.78
N GLU A 528 2.79 18.48 31.13
CA GLU A 528 1.42 18.90 31.39
C GLU A 528 0.59 18.88 30.11
N THR A 529 1.18 19.31 28.98
CA THR A 529 0.49 19.18 27.70
C THR A 529 0.20 17.72 27.39
N GLN A 530 1.15 16.84 27.69
CA GLN A 530 0.87 15.41 27.54
C GLN A 530 -0.35 15.04 28.37
N GLU A 531 -0.26 15.10 29.70
CA GLU A 531 -1.38 14.65 30.53
C GLU A 531 -2.68 15.27 30.04
N LYS A 532 -2.62 16.51 29.58
CA LYS A 532 -3.77 17.17 28.97
C LYS A 532 -4.32 16.35 27.81
N VAL A 533 -3.48 16.07 26.81
CA VAL A 533 -3.98 15.27 25.70
C VAL A 533 -4.45 13.91 26.21
N ILE A 534 -3.64 13.19 26.98
CA ILE A 534 -4.07 11.90 27.51
C ILE A 534 -5.50 11.94 28.04
N ARG A 535 -5.86 12.95 28.85
CA ARG A 535 -7.25 13.00 29.28
C ARG A 535 -8.19 13.22 28.09
N ILE A 536 -7.77 14.04 27.12
CA ILE A 536 -8.61 14.24 25.93
C ILE A 536 -8.84 12.92 25.21
N ILE A 537 -7.78 12.13 25.01
CA ILE A 537 -7.90 10.83 24.37
C ILE A 537 -8.79 9.90 25.18
N ASN A 538 -8.66 9.91 26.51
CA ASN A 538 -9.58 9.10 27.30
C ASN A 538 -11.03 9.44 26.94
N GLN A 539 -11.36 10.73 27.01
CA GLN A 539 -12.74 11.15 26.74
C GLN A 539 -13.17 10.74 25.33
N VAL A 540 -12.34 11.01 24.33
CA VAL A 540 -12.74 10.73 22.95
C VAL A 540 -12.80 9.22 22.70
N SER A 541 -11.68 8.54 22.92
CA SER A 541 -11.63 7.09 22.80
C SER A 541 -12.88 6.44 23.36
N SER A 542 -13.30 6.82 24.58
CA SER A 542 -14.37 6.10 25.26
C SER A 542 -15.46 5.64 24.29
N ASP A 543 -15.79 6.46 23.29
CA ASP A 543 -16.81 6.12 22.30
C ASP A 543 -16.26 5.99 20.89
N ALA A 544 -14.95 6.05 20.72
CA ALA A 544 -14.34 5.97 19.39
C ALA A 544 -14.85 4.75 18.63
N GLU A 545 -14.94 4.89 17.31
CA GLU A 545 -15.37 3.81 16.44
C GLU A 545 -14.16 3.19 15.75
N GLU A 546 -14.30 1.93 15.35
CA GLU A 546 -13.16 1.19 14.82
C GLU A 546 -12.50 1.93 13.66
N ASP A 547 -13.20 2.91 13.08
CA ASP A 547 -12.61 3.68 11.98
C ASP A 547 -11.46 4.56 12.46
N THR A 548 -11.47 4.95 13.73
CA THR A 548 -10.62 6.05 14.17
C THR A 548 -9.44 5.63 15.02
N ASN A 549 -9.46 4.42 15.60
CA ASN A 549 -8.45 4.01 16.55
C ASN A 549 -7.05 4.47 16.12
N GLY A 550 -6.74 4.30 14.84
CA GLY A 550 -5.48 4.80 14.31
C GLY A 550 -5.20 6.22 14.76
N ALA A 551 -5.95 7.19 14.21
CA ALA A 551 -5.63 8.60 14.46
C ALA A 551 -5.38 8.87 15.93
N LEU A 552 -6.25 8.35 16.80
CA LEU A 552 -6.04 8.51 18.24
C LEU A 552 -4.64 8.06 18.62
N MET A 553 -4.31 6.79 18.34
CA MET A 553 -3.03 6.27 18.81
C MET A 553 -1.86 6.88 18.05
N GLU A 554 -2.10 7.37 16.84
CA GLU A 554 -1.05 8.08 16.11
C GLU A 554 -0.69 9.34 16.87
N VAL A 555 -1.68 10.05 17.39
CA VAL A 555 -1.40 11.14 18.32
C VAL A 555 -0.69 10.61 19.55
N LEU A 556 -1.13 9.45 20.03
CA LEU A 556 -0.48 8.83 21.20
C LEU A 556 1.02 8.69 20.98
N SER A 557 1.41 8.18 19.82
CA SER A 557 2.83 8.03 19.52
C SER A 557 3.56 9.37 19.60
N GLN A 558 3.11 10.36 18.83
CA GLN A 558 3.83 11.62 18.77
C GLN A 558 3.88 12.29 20.14
N VAL A 559 2.91 12.01 20.99
CA VAL A 559 2.99 12.45 22.38
C VAL A 559 4.09 11.68 23.11
N ILE A 560 4.13 10.36 22.93
CA ILE A 560 5.16 9.53 23.54
C ILE A 560 6.55 10.05 23.20
N SER A 561 6.79 10.36 21.93
CA SER A 561 8.12 10.78 21.51
C SER A 561 8.55 12.03 22.27
N TYR A 562 7.59 12.75 22.84
CA TYR A 562 7.90 13.99 23.54
C TYR A 562 8.10 13.80 25.04
N ASN A 563 8.25 12.57 25.51
CA ASN A 563 8.55 12.37 26.92
C ASN A 563 9.98 12.85 27.21
N PRO A 564 10.24 13.43 28.39
CA PRO A 564 11.60 13.90 28.69
C PRO A 564 12.51 12.79 29.20
N PRO A 567 16.97 10.73 31.05
CA PRO A 567 17.15 10.16 32.35
C PRO A 567 15.99 10.21 33.38
N HIS A 568 15.57 11.38 33.87
CA HIS A 568 14.41 11.46 34.74
C HIS A 568 13.28 10.58 34.21
N SER A 569 12.55 9.95 35.12
CA SER A 569 11.43 9.10 34.77
C SER A 569 10.26 9.43 35.69
N ARG A 570 9.15 9.85 35.09
CA ARG A 570 7.93 10.20 35.82
C ARG A 570 6.91 9.10 35.55
N LYS A 571 6.72 8.22 36.52
CA LYS A 571 6.02 6.97 36.24
C LYS A 571 4.51 7.14 36.13
N GLU A 572 3.93 8.17 36.74
CA GLU A 572 2.48 8.31 36.59
C GLU A 572 2.10 8.52 35.12
N ILE A 573 2.79 9.43 34.44
CA ILE A 573 2.46 9.72 33.05
C ILE A 573 2.79 8.53 32.17
N LEU A 574 3.87 7.82 32.47
CA LEU A 574 4.28 6.70 31.63
C LEU A 574 3.34 5.51 31.81
N GLN A 575 2.99 5.18 33.06
CA GLN A 575 1.93 4.23 33.32
C GLN A 575 0.68 4.58 32.52
N ALA A 576 0.27 5.85 32.58
CA ALA A 576 -0.88 6.27 31.79
C ALA A 576 -0.67 5.95 30.33
N GLU A 577 0.34 6.56 29.70
CA GLU A 577 0.54 6.40 28.26
C GLU A 577 0.55 4.94 27.86
N PHE A 578 1.21 4.08 28.63
CA PHE A 578 1.14 2.65 28.34
C PHE A 578 -0.29 2.13 28.36
N HIS A 579 -1.02 2.38 29.45
CA HIS A 579 -2.35 1.81 29.56
C HIS A 579 -3.25 2.36 28.46
N LEU A 580 -3.10 3.64 28.14
CA LEU A 580 -3.68 4.20 26.93
C LEU A 580 -3.39 3.33 25.72
N VAL A 581 -2.10 3.15 25.40
CA VAL A 581 -1.74 2.34 24.24
C VAL A 581 -2.54 1.07 24.22
N PHE A 582 -2.56 0.37 25.35
CA PHE A 582 -3.04 -1.00 25.32
C PHE A 582 -4.57 -1.04 25.31
N THR A 583 -5.21 -0.30 26.21
CA THR A 583 -6.66 -0.12 26.11
C THR A 583 -7.09 0.20 24.69
N ILE A 584 -6.52 1.26 24.11
CA ILE A 584 -6.92 1.66 22.75
C ILE A 584 -6.79 0.49 21.79
N SER A 585 -5.63 -0.16 21.77
CA SER A 585 -5.45 -1.29 20.86
C SER A 585 -6.47 -2.38 21.12
N SER A 586 -6.89 -2.54 22.38
CA SER A 586 -7.73 -3.67 22.75
C SER A 586 -8.93 -3.82 21.84
N GLU A 587 -9.78 -2.79 21.78
CA GLU A 587 -11.03 -2.92 21.04
C GLU A 587 -10.79 -3.14 19.55
N ASP A 588 -9.68 -2.64 19.03
CA ASP A 588 -9.40 -2.66 17.59
C ASP A 588 -8.02 -3.26 17.35
N PRO A 589 -7.88 -4.57 17.55
CA PRO A 589 -6.64 -5.23 17.16
C PRO A 589 -6.51 -5.48 15.67
N ALA A 590 -7.58 -5.90 15.00
CA ALA A 590 -7.48 -6.35 13.61
C ALA A 590 -6.91 -5.28 12.70
N ASN A 591 -7.34 -4.04 12.89
CA ASN A 591 -6.87 -2.94 12.04
C ASN A 591 -5.36 -2.93 12.01
N VAL A 592 -4.78 -2.25 11.03
CA VAL A 592 -3.35 -2.43 10.75
C VAL A 592 -2.54 -1.26 11.26
N GLN A 593 -2.94 -0.02 10.93
CA GLN A 593 -2.18 1.10 11.46
C GLN A 593 -2.23 1.09 12.98
N VAL A 594 -3.33 0.58 13.55
CA VAL A 594 -3.36 0.42 15.01
C VAL A 594 -2.25 -0.51 15.45
N VAL A 595 -2.13 -1.68 14.81
CA VAL A 595 -1.07 -2.62 15.18
C VAL A 595 0.28 -1.93 15.14
N VAL A 596 0.63 -1.34 13.99
CA VAL A 596 1.99 -0.87 13.80
C VAL A 596 2.29 0.32 14.71
N GLN A 597 1.42 1.33 14.73
CA GLN A 597 1.69 2.46 15.60
C GLN A 597 1.67 2.07 17.08
N SER A 598 0.92 1.02 17.44
CA SER A 598 1.04 0.50 18.78
C SER A 598 2.46 0.03 19.07
N GLN A 599 2.96 -0.90 18.25
CA GLN A 599 4.34 -1.36 18.46
C GLN A 599 5.29 -0.17 18.50
N GLU A 600 5.01 0.84 17.69
CA GLU A 600 5.90 2.00 17.58
C GLU A 600 5.89 2.79 18.89
N CYS A 601 4.69 3.09 19.38
CA CYS A 601 4.54 3.67 20.71
C CYS A 601 5.31 2.87 21.75
N LEU A 602 5.06 1.57 21.82
CA LEU A 602 5.70 0.75 22.84
C LEU A 602 7.21 0.88 22.77
N GLU A 603 7.79 0.84 21.57
CA GLU A 603 9.23 0.99 21.46
C GLU A 603 9.68 2.35 21.98
N LYS A 604 8.90 3.41 21.72
CA LYS A 604 9.37 4.73 22.16
C LYS A 604 9.19 4.97 23.66
N LEU A 605 8.54 4.05 24.38
CA LEU A 605 8.64 4.13 25.84
C LEU A 605 9.95 3.53 26.33
N LEU A 606 10.37 2.42 25.74
CA LEU A 606 11.53 1.69 26.24
C LEU A 606 12.85 2.32 25.84
N ASP A 607 12.84 3.54 25.30
CA ASP A 607 14.09 4.24 25.01
C ASP A 607 14.71 4.76 26.31
N ASN A 608 16.04 4.80 26.32
CA ASN A 608 16.78 5.42 27.43
C ASN A 608 16.42 4.76 28.77
N ILE A 609 16.40 3.43 28.78
CA ILE A 609 15.99 2.66 29.95
C ILE A 609 17.18 1.80 30.38
N ASN A 610 17.54 1.90 31.65
CA ASN A 610 18.58 1.06 32.24
C ASN A 610 17.94 0.01 33.15
N MET A 611 18.70 -1.05 33.46
CA MET A 611 18.20 -2.08 34.36
C MET A 611 17.53 -1.47 35.60
N ASP A 612 18.04 -0.33 36.07
CA ASP A 612 17.46 0.30 37.25
C ASP A 612 16.03 0.73 36.97
N ASN A 613 15.83 1.60 35.97
CA ASN A 613 14.47 1.95 35.56
C ASN A 613 13.72 0.73 35.05
N TYR A 614 14.43 -0.26 34.54
CA TYR A 614 13.81 -1.34 33.78
C TYR A 614 12.85 -2.15 34.66
N LYS A 615 13.13 -2.22 35.95
CA LYS A 615 12.26 -2.94 36.88
C LYS A 615 10.82 -2.44 36.78
N ASN A 616 10.61 -1.16 37.07
CA ASN A 616 9.24 -0.65 37.13
C ASN A 616 8.49 -0.92 35.84
N TYR A 617 9.20 -0.92 34.71
CA TYR A 617 8.57 -1.34 33.45
C TYR A 617 8.18 -2.81 33.49
N ILE A 618 8.99 -3.65 34.12
CA ILE A 618 8.58 -5.05 34.26
C ILE A 618 7.16 -5.12 34.82
N GLU A 619 6.95 -4.55 36.00
CA GLU A 619 5.64 -4.60 36.65
C GLU A 619 4.58 -3.88 35.82
N LEU A 620 4.94 -2.72 35.26
CA LEU A 620 3.99 -1.96 34.47
C LEU A 620 3.43 -2.78 33.31
N CYS A 621 4.31 -3.45 32.57
CA CYS A 621 3.97 -4.06 31.29
C CYS A 621 3.54 -5.50 31.40
N LEU A 622 4.35 -6.36 31.99
CA LEU A 622 4.08 -7.80 31.90
C LEU A 622 2.68 -8.20 32.36
N PRO A 623 2.11 -7.63 33.42
CA PRO A 623 0.78 -8.10 33.85
C PRO A 623 -0.27 -8.01 32.75
N SER A 624 -0.34 -6.86 32.05
CA SER A 624 -1.35 -6.70 31.01
C SER A 624 -1.20 -7.76 29.93
N PHE A 625 0.02 -7.91 29.39
CA PHE A 625 0.25 -8.92 28.37
C PHE A 625 -0.10 -10.31 28.88
N ILE A 626 0.42 -10.69 30.05
CA ILE A 626 0.10 -11.99 30.64
C ILE A 626 -1.40 -12.22 30.62
N ASN A 627 -2.18 -11.26 31.11
CA ASN A 627 -3.62 -11.45 31.20
C ASN A 627 -4.23 -11.68 29.83
N VAL A 628 -3.66 -11.10 28.78
CA VAL A 628 -4.18 -11.37 27.45
C VAL A 628 -4.12 -12.85 27.13
N LEU A 629 -2.93 -13.45 27.30
CA LEU A 629 -2.78 -14.86 26.98
C LEU A 629 -3.65 -15.70 27.90
N ASP A 630 -3.68 -15.36 29.19
CA ASP A 630 -4.53 -16.11 30.11
C ASP A 630 -5.98 -16.08 29.67
N SER A 631 -6.50 -14.89 29.33
CA SER A 631 -7.87 -14.80 28.83
C SER A 631 -8.06 -15.65 27.60
N ASN A 632 -7.14 -15.55 26.63
CA ASN A 632 -7.24 -16.37 25.43
C ASN A 632 -7.17 -17.86 25.74
N ASN A 633 -6.63 -18.24 26.91
CA ASN A 633 -6.63 -19.63 27.30
C ASN A 633 -8.03 -20.21 27.25
N ALA A 634 -9.04 -19.42 27.61
CA ALA A 634 -10.42 -19.84 27.42
C ALA A 634 -10.68 -20.14 25.94
N ASN A 635 -9.96 -19.47 25.05
CA ASN A 635 -9.99 -19.76 23.63
C ASN A 635 -8.84 -20.68 23.21
N ASN A 636 -8.27 -21.44 24.15
CA ASN A 636 -7.20 -22.41 23.88
C ASN A 636 -6.05 -21.78 23.11
N TYR A 637 -5.84 -20.48 23.30
CA TYR A 637 -4.79 -19.75 22.60
C TYR A 637 -5.00 -19.78 21.09
N ARG A 638 -6.23 -20.05 20.67
CA ARG A 638 -6.59 -19.91 19.27
C ARG A 638 -6.35 -18.48 18.83
N TYR A 639 -5.89 -18.31 17.60
CA TYR A 639 -5.45 -16.99 17.17
C TYR A 639 -6.56 -15.96 17.39
N SER A 640 -6.21 -14.88 18.07
CA SER A 640 -7.04 -13.70 18.15
C SER A 640 -6.14 -12.52 17.80
N PRO A 641 -6.65 -11.52 17.08
CA PRO A 641 -5.78 -10.40 16.70
C PRO A 641 -5.14 -9.74 17.90
N LEU A 642 -5.84 -9.65 19.02
CA LEU A 642 -5.25 -9.09 20.23
C LEU A 642 -4.16 -10.01 20.79
N LEU A 643 -4.41 -11.32 20.76
CA LEU A 643 -3.36 -12.27 21.11
C LEU A 643 -2.07 -11.97 20.35
N SER A 644 -2.14 -11.98 19.02
CA SER A 644 -0.97 -11.74 18.20
C SER A 644 -0.35 -10.39 18.50
N LEU A 645 -1.20 -9.36 18.66
CA LEU A 645 -0.71 -8.03 18.96
C LEU A 645 0.09 -8.00 20.26
N VAL A 646 -0.38 -8.71 21.27
CA VAL A 646 0.33 -8.74 22.55
C VAL A 646 1.64 -9.49 22.42
N LEU A 647 1.62 -10.66 21.76
CA LEU A 647 2.88 -11.37 21.53
C LEU A 647 3.89 -10.46 20.84
N GLU A 648 3.43 -9.65 19.90
CA GLU A 648 4.30 -8.65 19.29
C GLU A 648 4.83 -7.67 20.33
N PHE A 649 3.94 -7.11 21.14
CA PHE A 649 4.38 -6.15 22.16
C PHE A 649 5.48 -6.73 23.03
N ILE A 650 5.35 -8.00 23.40
CA ILE A 650 6.29 -8.59 24.35
C ILE A 650 7.60 -8.93 23.67
N THR A 651 7.55 -9.35 22.40
CA THR A 651 8.79 -9.43 21.63
C THR A 651 9.50 -8.07 21.64
N VAL A 652 8.74 -7.00 21.47
CA VAL A 652 9.34 -5.66 21.44
C VAL A 652 9.97 -5.32 22.78
N PHE A 653 9.23 -5.51 23.87
CA PHE A 653 9.82 -5.27 25.19
C PHE A 653 11.10 -6.07 25.36
N LEU A 654 11.03 -7.38 25.13
CA LEU A 654 12.22 -8.23 25.19
C LEU A 654 13.38 -7.57 24.48
N LYS A 655 13.22 -7.22 23.20
CA LYS A 655 14.33 -6.63 22.47
C LYS A 655 14.84 -5.33 23.09
N LYS A 656 14.00 -4.58 23.78
CA LYS A 656 14.37 -3.26 24.25
C LYS A 656 15.12 -3.27 25.59
N LYS A 657 15.63 -4.42 26.02
CA LYS A 657 16.40 -4.46 27.25
C LYS A 657 17.64 -3.57 27.11
N PRO A 658 18.06 -2.89 28.19
CA PRO A 658 19.33 -2.17 28.14
C PRO A 658 20.49 -3.11 27.87
N ASN A 659 21.42 -2.65 27.03
CA ASN A 659 22.50 -3.51 26.55
C ASN A 659 23.23 -4.20 27.70
N ASP A 660 23.53 -3.46 28.76
CA ASP A 660 24.29 -4.01 29.87
C ASP A 660 23.53 -5.15 30.56
N GLY A 661 24.29 -6.14 31.02
CA GLY A 661 23.73 -7.19 31.86
C GLY A 661 22.90 -8.21 31.11
N PHE A 662 22.06 -8.90 31.87
CA PHE A 662 21.20 -9.96 31.36
C PHE A 662 19.76 -9.63 31.75
N LEU A 663 18.87 -10.59 31.52
CA LEU A 663 17.49 -10.41 31.90
C LEU A 663 17.28 -10.85 33.35
N PRO A 664 16.90 -9.92 34.24
CA PRO A 664 16.59 -10.34 35.61
C PRO A 664 15.56 -11.45 35.63
N ASP A 665 15.78 -12.41 36.54
CA ASP A 665 14.99 -13.65 36.49
C ASP A 665 13.50 -13.37 36.58
N GLU A 666 13.07 -12.53 37.53
CA GLU A 666 11.64 -12.27 37.71
C GLU A 666 10.96 -12.05 36.38
N ILE A 667 11.66 -11.43 35.42
CA ILE A 667 11.14 -11.35 34.07
C ILE A 667 10.82 -12.75 33.55
N ASN A 668 11.76 -13.68 33.71
CA ASN A 668 11.51 -15.07 33.35
C ASN A 668 10.36 -15.66 34.16
N GLN A 669 10.42 -15.49 35.49
CA GLN A 669 9.36 -15.94 36.38
C GLN A 669 7.99 -15.56 35.83
N TYR A 670 7.89 -14.39 35.20
CA TYR A 670 6.61 -13.97 34.64
C TYR A 670 6.41 -14.53 33.23
N LEU A 671 7.49 -14.66 32.46
CA LEU A 671 7.34 -14.79 31.01
C LEU A 671 7.31 -16.24 30.55
N PHE A 672 8.02 -17.13 31.24
CA PHE A 672 8.16 -18.47 30.70
C PHE A 672 6.84 -19.22 30.75
N GLU A 673 6.20 -19.27 31.92
CA GLU A 673 5.04 -20.14 32.06
C GLU A 673 3.91 -19.68 31.12
N PRO A 674 3.61 -18.38 31.02
CA PRO A 674 2.57 -17.99 30.06
C PRO A 674 2.98 -18.30 28.63
N LEU A 675 4.18 -17.88 28.21
CA LEU A 675 4.67 -18.23 26.88
C LEU A 675 4.80 -19.73 26.70
N ALA A 676 5.22 -20.43 27.76
CA ALA A 676 5.32 -21.88 27.67
C ALA A 676 3.97 -22.49 27.31
N LYS A 677 2.92 -22.12 28.05
CA LYS A 677 1.59 -22.62 27.74
C LYS A 677 1.10 -22.09 26.40
N VAL A 678 1.52 -20.88 26.02
CA VAL A 678 1.19 -20.32 24.73
C VAL A 678 1.61 -21.27 23.62
N LEU A 679 2.90 -21.54 23.55
CA LEU A 679 3.38 -22.56 22.63
C LEU A 679 2.59 -23.85 22.81
N ALA A 680 2.64 -24.43 24.01
CA ALA A 680 2.08 -25.76 24.25
C ALA A 680 0.70 -25.91 23.65
N PHE A 681 -0.26 -25.10 24.10
CA PHE A 681 -1.65 -25.29 23.68
C PHE A 681 -1.84 -24.94 22.21
N SER A 682 -1.29 -23.82 21.77
CA SER A 682 -1.56 -23.30 20.44
C SER A 682 -0.97 -24.22 19.37
N THR A 683 -1.59 -24.23 18.20
CA THR A 683 -1.11 -24.95 17.04
C THR A 683 -1.01 -24.07 15.80
N GLU A 684 -1.67 -22.92 15.80
CA GLU A 684 -1.71 -22.07 14.62
C GLU A 684 -0.32 -21.51 14.35
N ASP A 685 0.12 -21.63 13.10
CA ASP A 685 1.52 -21.36 12.77
C ASP A 685 1.94 -19.95 13.15
N GLU A 686 1.29 -18.93 12.56
CA GLU A 686 1.79 -17.57 12.70
C GLU A 686 1.82 -17.13 14.17
N THR A 687 0.79 -17.48 14.95
CA THR A 687 0.79 -17.14 16.36
C THR A 687 1.91 -17.85 17.10
N LEU A 688 2.07 -19.16 16.87
CA LEU A 688 3.20 -19.87 17.44
C LEU A 688 4.51 -19.19 17.10
N GLN A 689 4.61 -18.64 15.89
CA GLN A 689 5.85 -17.99 15.48
C GLN A 689 6.06 -16.67 16.20
N LEU A 690 5.01 -15.85 16.28
CA LEU A 690 5.09 -14.57 16.97
C LEU A 690 5.46 -14.78 18.43
N ALA A 691 5.02 -15.90 19.01
CA ALA A 691 5.50 -16.27 20.34
C ALA A 691 6.95 -16.73 20.30
N THR A 692 7.24 -17.73 19.46
CA THR A 692 8.55 -18.35 19.41
C THR A 692 9.67 -17.32 19.33
N GLU A 693 9.46 -16.24 18.57
CA GLU A 693 10.53 -15.26 18.45
C GLU A 693 10.86 -14.63 19.80
N ALA A 694 9.83 -14.15 20.51
CA ALA A 694 10.04 -13.60 21.84
C ALA A 694 10.60 -14.67 22.79
N PHE A 695 10.07 -15.89 22.69
CA PHE A 695 10.58 -17.00 23.48
C PHE A 695 12.09 -17.13 23.33
N SER A 696 12.54 -17.33 22.10
CA SER A 696 13.96 -17.49 21.82
C SER A 696 14.76 -16.29 22.30
N TYR A 697 14.27 -15.08 22.04
CA TYR A 697 15.05 -13.91 22.37
C TYR A 697 15.22 -13.78 23.88
N LEU A 698 14.13 -13.91 24.63
CA LEU A 698 14.21 -14.04 26.08
C LEU A 698 15.28 -15.04 26.49
N ILE A 699 15.13 -16.30 26.06
CA ILE A 699 16.05 -17.34 26.48
C ILE A 699 17.49 -16.96 26.11
N PHE A 700 17.67 -16.19 25.05
CA PHE A 700 19.01 -15.74 24.69
C PHE A 700 19.55 -14.74 25.70
N ASN A 701 18.92 -13.59 25.83
CA ASN A 701 19.45 -12.56 26.71
C ASN A 701 19.44 -12.96 28.18
N THR A 702 18.66 -13.96 28.57
CA THR A 702 18.54 -14.28 29.97
C THR A 702 19.87 -14.74 30.55
N ASP A 703 20.03 -14.54 31.85
CA ASP A 703 21.16 -15.08 32.56
C ASP A 703 21.04 -16.59 32.67
N THR A 704 22.19 -17.27 32.63
CA THR A 704 22.19 -18.73 32.52
C THR A 704 21.59 -19.39 33.75
N ARG A 705 22.03 -18.99 34.94
CA ARG A 705 21.68 -19.74 36.15
C ARG A 705 20.17 -19.86 36.34
N ALA A 706 19.40 -18.91 35.81
CA ALA A 706 17.95 -18.99 35.98
C ALA A 706 17.35 -20.08 35.10
N MET A 707 18.04 -20.49 34.04
CA MET A 707 17.39 -21.28 33.01
C MET A 707 17.37 -22.77 33.37
N GLU A 708 18.49 -23.31 33.84
CA GLU A 708 18.63 -24.76 33.91
C GLU A 708 17.47 -25.44 34.63
N PRO A 709 16.83 -24.86 35.66
CA PRO A 709 15.57 -25.47 36.12
C PRO A 709 14.51 -25.49 35.04
N ARG A 710 14.48 -24.45 34.21
CA ARG A 710 13.58 -24.36 33.07
C ARG A 710 14.05 -25.19 31.89
N LEU A 711 15.24 -25.80 31.96
CA LEU A 711 15.79 -26.51 30.81
C LEU A 711 14.85 -27.61 30.35
N MET A 712 14.36 -28.44 31.27
CA MET A 712 13.46 -29.53 30.86
C MET A 712 12.20 -29.00 30.20
N ASP A 713 11.65 -27.91 30.73
CA ASP A 713 10.46 -27.32 30.12
C ASP A 713 10.77 -26.82 28.72
N ILE A 714 11.92 -26.15 28.56
CA ILE A 714 12.34 -25.69 27.24
C ILE A 714 12.50 -26.87 26.29
N MET A 715 12.94 -28.01 26.81
CA MET A 715 13.07 -29.20 25.98
C MET A 715 11.71 -29.70 25.55
N LYS A 716 10.72 -29.71 26.44
CA LYS A 716 9.36 -30.04 26.03
C LYS A 716 8.90 -29.10 24.92
N VAL A 717 9.18 -27.81 25.07
CA VAL A 717 8.78 -26.83 24.07
C VAL A 717 9.44 -27.14 22.72
N LEU A 718 10.76 -27.26 22.70
CA LEU A 718 11.46 -27.49 21.46
C LEU A 718 11.03 -28.80 20.82
N GLU A 719 10.78 -29.82 21.64
CA GLU A 719 10.22 -31.06 21.12
C GLU A 719 8.92 -30.80 20.39
N ARG A 720 7.91 -30.27 21.09
CA ARG A 720 6.61 -30.13 20.45
C ARG A 720 6.73 -29.28 19.18
N LEU A 721 7.48 -28.17 19.24
CA LEU A 721 7.69 -27.38 18.04
C LEU A 721 8.34 -28.21 16.94
N LEU A 722 9.05 -29.26 17.31
CA LEU A 722 9.58 -30.24 16.35
C LEU A 722 8.77 -31.52 16.55
N SER A 723 7.59 -31.55 15.95
CA SER A 723 6.65 -32.63 16.19
C SER A 723 5.60 -32.63 15.08
N LEU A 724 4.93 -33.77 14.92
CA LEU A 724 3.94 -33.91 13.86
C LEU A 724 2.79 -32.94 14.04
N GLU A 725 2.35 -32.75 15.29
CA GLU A 725 1.20 -31.88 15.55
C GLU A 725 1.40 -30.50 14.94
N VAL A 726 2.59 -29.93 15.06
CA VAL A 726 2.87 -28.59 14.57
C VAL A 726 3.34 -28.67 13.12
N SER A 727 2.91 -27.70 12.32
CA SER A 727 3.26 -27.65 10.90
C SER A 727 4.68 -27.11 10.71
N ASP A 728 5.19 -27.27 9.49
CA ASP A 728 6.53 -26.80 9.18
C ASP A 728 6.63 -25.29 9.38
N SER A 729 5.60 -24.55 8.96
CA SER A 729 5.61 -23.11 9.16
C SER A 729 5.91 -22.77 10.62
N ALA A 730 5.32 -23.52 11.55
CA ALA A 730 5.67 -23.35 12.95
C ALA A 730 7.14 -23.65 13.20
N ALA A 731 7.63 -24.77 12.66
CA ALA A 731 9.01 -25.18 12.87
C ALA A 731 10.01 -24.20 12.28
N MET A 732 9.56 -23.24 11.48
CA MET A 732 10.48 -22.33 10.81
C MET A 732 11.44 -21.65 11.79
N ASN A 733 10.89 -21.01 12.82
CA ASN A 733 11.70 -20.16 13.69
C ASN A 733 12.12 -20.84 14.98
N VAL A 734 12.22 -22.17 14.99
CA VAL A 734 12.83 -22.86 16.13
C VAL A 734 14.29 -22.50 16.27
N GLY A 735 14.99 -22.24 15.13
CA GLY A 735 16.41 -22.02 15.12
C GLY A 735 16.95 -21.08 16.17
N PRO A 736 16.57 -19.80 16.16
CA PRO A 736 17.16 -18.86 17.14
C PRO A 736 17.15 -19.40 18.55
N LEU A 737 16.04 -20.00 18.97
CA LEU A 737 16.00 -20.66 20.27
C LEU A 737 17.15 -21.66 20.40
N VAL A 738 17.36 -22.49 19.38
CA VAL A 738 18.40 -23.51 19.45
C VAL A 738 19.73 -22.89 19.87
N VAL A 739 20.19 -21.88 19.14
CA VAL A 739 21.45 -21.23 19.50
C VAL A 739 21.35 -20.59 20.87
N ALA A 740 20.18 -20.06 21.21
CA ALA A 740 20.01 -19.47 22.54
C ALA A 740 20.24 -20.51 23.64
N ILE A 741 19.82 -21.75 23.39
CA ILE A 741 20.03 -22.81 24.38
C ILE A 741 21.52 -23.00 24.65
N PHE A 742 22.32 -23.08 23.59
CA PHE A 742 23.76 -23.24 23.78
C PHE A 742 24.37 -21.99 24.40
N THR A 743 23.83 -20.82 24.08
CA THR A 743 24.41 -19.57 24.56
C THR A 743 24.51 -19.57 26.08
N ARG A 744 23.52 -20.14 26.76
CA ARG A 744 23.55 -20.18 28.22
C ARG A 744 24.67 -21.09 28.72
N PHE A 745 24.62 -22.36 28.31
CA PHE A 745 25.62 -23.34 28.72
C PHE A 745 25.41 -24.61 27.92
N SER A 746 26.18 -25.64 28.26
CA SER A 746 26.05 -26.94 27.64
C SER A 746 25.99 -28.08 28.66
N LYS A 747 26.42 -27.85 29.91
CA LYS A 747 26.63 -28.96 30.85
C LYS A 747 25.41 -29.86 30.96
N GLU A 748 24.24 -29.29 31.22
CA GLU A 748 23.01 -30.07 31.23
C GLU A 748 22.39 -30.19 29.84
N ILE A 749 22.99 -29.57 28.83
CA ILE A 749 22.51 -29.75 27.47
C ILE A 749 22.89 -31.13 26.94
N GLN A 750 24.10 -31.60 27.23
CA GLN A 750 24.55 -32.85 26.63
C GLN A 750 23.61 -34.02 26.88
N PRO A 751 23.20 -34.32 28.12
CA PRO A 751 22.34 -35.50 28.31
C PRO A 751 21.04 -35.40 27.53
N LEU A 752 20.56 -34.18 27.28
CA LEU A 752 19.36 -34.00 26.49
C LEU A 752 19.67 -33.81 25.01
N ILE A 753 20.96 -33.81 24.62
CA ILE A 753 21.26 -33.70 23.20
C ILE A 753 20.60 -34.83 22.43
N GLY A 754 20.93 -36.08 22.76
CA GLY A 754 20.30 -37.20 22.06
C GLY A 754 18.81 -37.01 21.89
N ARG A 755 18.12 -36.54 22.92
CA ARG A 755 16.70 -36.24 22.79
C ARG A 755 16.45 -35.16 21.74
N ILE A 756 17.25 -34.09 21.78
CA ILE A 756 17.12 -33.02 20.79
C ILE A 756 17.31 -33.59 19.39
N LEU A 757 18.30 -34.46 19.22
CA LEU A 757 18.62 -35.00 17.90
C LEU A 757 17.48 -35.89 17.39
N GLU A 758 16.97 -36.77 18.25
CA GLU A 758 15.85 -37.60 17.85
C GLU A 758 14.65 -36.73 17.45
N ALA A 759 14.30 -35.76 18.29
CA ALA A 759 13.16 -34.90 17.98
C ALA A 759 13.40 -34.13 16.68
N VAL A 760 14.59 -33.55 16.52
CA VAL A 760 14.88 -32.73 15.35
C VAL A 760 14.82 -33.57 14.09
N VAL A 761 15.39 -34.77 14.11
CA VAL A 761 15.40 -35.60 12.90
C VAL A 761 14.01 -36.11 12.57
N VAL A 762 13.23 -36.48 13.59
CA VAL A 762 11.87 -36.96 13.32
C VAL A 762 11.02 -35.82 12.75
N ARG A 763 11.25 -34.60 13.24
CA ARG A 763 10.58 -33.45 12.64
C ARG A 763 11.06 -33.23 11.21
N LEU A 764 12.37 -33.32 11.01
CA LEU A 764 12.98 -33.01 9.72
C LEU A 764 12.50 -33.94 8.62
N ILE A 765 12.41 -35.24 8.93
CA ILE A 765 12.03 -36.21 7.91
C ILE A 765 10.63 -35.91 7.38
N LYS A 766 9.70 -35.57 8.27
CA LYS A 766 8.32 -35.37 7.85
C LYS A 766 8.12 -34.01 7.18
N THR A 767 9.01 -33.05 7.45
CA THR A 767 8.83 -31.72 6.89
C THR A 767 8.80 -31.77 5.37
N GLN A 768 7.93 -30.95 4.77
CA GLN A 768 7.84 -30.81 3.32
C GLN A 768 7.92 -29.35 2.88
N ASN A 769 8.41 -28.46 3.73
CA ASN A 769 8.70 -27.08 3.36
C ASN A 769 10.20 -26.96 3.14
N ILE A 770 10.59 -26.69 1.89
CA ILE A 770 12.02 -26.66 1.56
C ILE A 770 12.72 -25.53 2.30
N SER A 771 12.05 -24.38 2.43
CA SER A 771 12.62 -23.28 3.20
C SER A 771 12.83 -23.68 4.66
N THR A 772 11.79 -24.25 5.28
CA THR A 772 11.91 -24.69 6.67
C THR A 772 12.93 -25.83 6.79
N GLU A 773 12.99 -26.71 5.79
CA GLU A 773 13.99 -27.77 5.81
C GLU A 773 15.40 -27.19 5.81
N GLN A 774 15.65 -26.20 4.95
CA GLN A 774 16.93 -25.52 4.94
C GLN A 774 17.22 -24.90 6.30
N ASN A 775 16.23 -24.24 6.89
CA ASN A 775 16.42 -23.65 8.21
C ASN A 775 16.79 -24.71 9.23
N LEU A 776 16.09 -25.85 9.22
CA LEU A 776 16.39 -26.93 10.13
C LEU A 776 17.83 -27.41 9.97
N LEU A 777 18.25 -27.69 8.74
CA LEU A 777 19.64 -28.09 8.52
C LEU A 777 20.61 -27.02 8.98
N SER A 778 20.18 -25.75 8.94
CA SER A 778 21.05 -24.67 9.40
C SER A 778 21.42 -24.85 10.87
N VAL A 779 20.60 -25.58 11.63
CA VAL A 779 20.87 -25.78 13.05
C VAL A 779 22.12 -26.60 13.28
N LEU A 780 22.39 -27.57 12.41
CA LEU A 780 23.37 -28.62 12.70
C LEU A 780 24.77 -28.06 12.88
N CYS A 781 25.03 -26.82 12.45
CA CYS A 781 26.37 -26.25 12.57
C CYS A 781 26.84 -26.28 14.01
N PHE A 782 26.15 -25.57 14.91
CA PHE A 782 26.57 -25.58 16.30
C PHE A 782 26.50 -26.96 16.92
N LEU A 783 25.56 -27.80 16.48
CA LEU A 783 25.47 -29.14 17.06
C LEU A 783 26.74 -29.93 16.83
N THR A 784 27.26 -29.90 15.61
CA THR A 784 28.54 -30.56 15.35
C THR A 784 29.73 -29.69 15.77
N CYS A 785 29.51 -28.39 15.98
CA CYS A 785 30.56 -27.53 16.48
C CYS A 785 30.99 -27.96 17.89
N ASN A 786 30.01 -28.24 18.75
CA ASN A 786 30.34 -28.62 20.13
C ASN A 786 30.92 -30.03 20.17
N ASP A 787 30.30 -30.97 19.45
CA ASP A 787 30.78 -32.33 19.45
C ASP A 787 30.26 -33.11 18.24
N PRO A 788 31.14 -33.69 17.41
CA PRO A 788 30.66 -34.52 16.30
C PRO A 788 30.42 -35.98 16.65
N LYS A 789 31.15 -36.51 17.65
CA LYS A 789 31.09 -37.95 17.89
C LYS A 789 29.72 -38.36 18.41
N GLN A 790 29.22 -37.67 19.44
CA GLN A 790 27.93 -38.03 19.99
C GLN A 790 26.84 -37.90 18.95
N THR A 791 26.89 -36.84 18.14
CA THR A 791 25.87 -36.63 17.11
C THR A 791 25.74 -37.86 16.22
N VAL A 792 26.83 -38.19 15.51
CA VAL A 792 26.77 -39.28 14.54
C VAL A 792 26.50 -40.61 15.23
N ASP A 793 27.17 -40.86 16.36
CA ASP A 793 26.96 -42.12 17.05
C ASP A 793 25.50 -42.30 17.43
N PHE A 794 24.89 -41.28 18.05
CA PHE A 794 23.49 -41.39 18.44
C PHE A 794 22.58 -41.55 17.22
N LEU A 795 22.78 -40.71 16.20
CA LEU A 795 21.88 -40.76 15.04
C LEU A 795 21.96 -42.12 14.36
N SER A 796 23.18 -42.64 14.16
CA SER A 796 23.33 -43.99 13.61
C SER A 796 22.64 -45.02 14.49
N SER A 797 22.93 -44.99 15.80
CA SER A 797 22.39 -46.01 16.70
C SER A 797 20.87 -46.00 16.69
N PHE A 798 20.26 -44.82 16.63
CA PHE A 798 18.81 -44.74 16.70
C PHE A 798 18.17 -45.32 15.45
N GLN A 799 17.10 -46.09 15.67
CA GLN A 799 16.31 -46.67 14.59
C GLN A 799 14.89 -46.17 14.70
N ILE A 800 14.37 -45.61 13.60
CA ILE A 800 12.98 -45.18 13.52
C ILE A 800 12.25 -46.22 12.68
N ASP A 801 11.33 -46.94 13.32
CA ASP A 801 10.70 -48.11 12.70
C ASP A 801 11.76 -49.08 12.21
N ASN A 802 12.60 -49.51 13.14
CA ASN A 802 13.71 -50.44 12.87
C ASN A 802 14.52 -49.99 11.65
N THR A 803 14.63 -48.68 11.46
CA THR A 803 15.39 -48.10 10.36
C THR A 803 16.26 -46.98 10.89
N ASP A 804 17.55 -47.05 10.56
CA ASP A 804 18.51 -46.05 11.03
C ASP A 804 18.16 -44.70 10.42
N ALA A 805 18.21 -43.65 11.23
CA ALA A 805 17.89 -42.30 10.74
C ALA A 805 19.10 -41.67 10.06
N LEU A 806 20.31 -42.18 10.32
CA LEU A 806 21.50 -41.53 9.79
C LEU A 806 21.53 -41.58 8.27
N THR A 807 21.22 -42.73 7.67
CA THR A 807 21.28 -42.83 6.22
C THR A 807 20.35 -41.83 5.56
N LEU A 808 19.10 -41.78 6.00
CA LEU A 808 18.14 -40.85 5.40
C LEU A 808 18.52 -39.41 5.71
N VAL A 809 19.10 -39.15 6.89
CA VAL A 809 19.55 -37.79 7.20
C VAL A 809 20.63 -37.35 6.24
N MET A 810 21.61 -38.24 5.98
CA MET A 810 22.67 -37.89 5.05
C MET A 810 22.10 -37.66 3.65
N ARG A 811 21.21 -38.54 3.19
CA ARG A 811 20.61 -38.36 1.88
C ARG A 811 19.87 -37.03 1.79
N LYS A 812 19.01 -36.76 2.77
CA LYS A 812 18.26 -35.52 2.82
C LYS A 812 19.19 -34.32 2.79
N TRP A 813 20.28 -34.38 3.55
CA TRP A 813 21.29 -33.32 3.53
C TRP A 813 21.85 -33.14 2.12
N ILE A 814 22.02 -34.25 1.39
CA ILE A 814 22.48 -34.17 0.00
C ILE A 814 21.48 -33.40 -0.85
N GLU A 815 20.19 -33.78 -0.78
CA GLU A 815 19.21 -33.02 -1.57
C GLU A 815 19.17 -31.56 -1.12
N ALA A 816 19.33 -31.31 0.18
CA ALA A 816 19.41 -29.94 0.66
C ALA A 816 20.51 -29.18 -0.08
N PHE A 817 21.68 -29.79 -0.22
CA PHE A 817 22.70 -29.22 -1.11
C PHE A 817 22.12 -28.97 -2.49
N GLU A 818 21.43 -29.97 -3.05
CA GLU A 818 20.97 -29.88 -4.43
C GLU A 818 20.11 -28.65 -4.65
N VAL A 819 19.44 -28.17 -3.60
CA VAL A 819 18.61 -26.98 -3.68
C VAL A 819 19.07 -25.87 -2.73
N ILE A 820 20.25 -26.04 -2.13
CA ILE A 820 20.70 -25.07 -1.13
C ILE A 820 20.95 -23.72 -1.80
N ARG A 821 20.39 -22.68 -1.21
CA ARG A 821 20.55 -21.31 -1.69
C ARG A 821 20.95 -20.41 -0.53
N GLY A 822 22.02 -19.65 -0.74
CA GLY A 822 22.57 -18.79 0.29
C GLY A 822 23.91 -19.27 0.80
N GLU A 823 24.98 -18.63 0.34
CA GLU A 823 26.32 -19.01 0.78
C GLU A 823 26.51 -18.76 2.28
N LYS A 824 25.66 -17.91 2.86
CA LYS A 824 25.78 -17.61 4.28
C LYS A 824 25.65 -18.87 5.12
N ARG A 825 24.65 -19.70 4.83
CA ARG A 825 24.55 -20.99 5.48
C ARG A 825 25.75 -21.87 5.13
N ILE A 826 26.26 -21.72 3.90
CA ILE A 826 27.37 -22.57 3.44
C ILE A 826 28.59 -22.37 4.32
N LYS A 827 28.94 -21.12 4.63
CA LYS A 827 30.16 -20.90 5.42
C LYS A 827 30.11 -21.68 6.73
N GLU A 828 28.97 -21.66 7.41
CA GLU A 828 28.81 -22.51 8.59
C GLU A 828 28.84 -23.98 8.21
N ASN A 829 28.36 -24.31 7.02
CA ASN A 829 28.43 -25.70 6.59
C ASN A 829 29.87 -26.19 6.54
N ILE A 830 30.80 -25.30 6.15
CA ILE A 830 32.21 -25.66 6.17
C ILE A 830 32.69 -25.92 7.59
N VAL A 831 32.27 -25.07 8.54
CA VAL A 831 32.65 -25.28 9.93
C VAL A 831 32.13 -26.63 10.41
N ALA A 832 30.89 -26.95 10.07
CA ALA A 832 30.33 -28.25 10.41
C ALA A 832 31.13 -29.39 9.80
N LEU A 833 31.48 -29.25 8.52
CA LEU A 833 32.18 -30.32 7.83
C LEU A 833 33.58 -30.52 8.38
N SER A 834 34.19 -29.45 8.90
CA SER A 834 35.48 -29.63 9.57
C SER A 834 35.35 -30.59 10.73
N ASN A 835 34.27 -30.45 11.52
CA ASN A 835 34.01 -31.41 12.59
C ASN A 835 33.69 -32.79 12.03
N LEU A 836 32.93 -32.84 10.94
CA LEU A 836 32.37 -34.10 10.47
C LEU A 836 33.43 -34.99 9.83
N PHE A 837 34.30 -34.40 9.01
CA PHE A 837 35.20 -35.19 8.18
C PHE A 837 36.12 -36.07 9.01
N PHE A 838 36.63 -35.55 10.12
CA PHE A 838 37.58 -36.30 10.93
C PHE A 838 36.95 -37.44 11.71
N LEU A 839 35.62 -37.52 11.74
CA LEU A 839 34.96 -38.60 12.47
C LEU A 839 35.39 -39.96 11.94
N ASN A 840 35.73 -40.03 10.64
CA ASN A 840 36.16 -41.28 10.03
C ASN A 840 35.08 -42.35 10.16
N ASP A 841 33.82 -41.92 10.16
CA ASP A 841 32.72 -42.86 10.22
C ASP A 841 32.81 -43.85 9.06
N LYS A 842 32.94 -45.13 9.41
CA LYS A 842 33.11 -46.16 8.38
C LYS A 842 31.89 -46.22 7.47
N ARG A 843 30.69 -46.11 8.05
CA ARG A 843 29.47 -46.17 7.26
C ARG A 843 29.43 -45.05 6.23
N LEU A 844 29.89 -43.85 6.60
CA LEU A 844 29.94 -42.75 5.64
C LEU A 844 30.90 -43.07 4.50
N GLN A 845 32.02 -43.72 4.81
CA GLN A 845 32.87 -44.25 3.74
C GLN A 845 32.14 -45.29 2.92
N LYS A 846 31.29 -46.10 3.56
CA LYS A 846 30.46 -47.05 2.85
C LYS A 846 29.18 -46.38 2.35
N ASP A 872 17.36 -43.13 -16.52
CA ASP A 872 17.78 -41.97 -15.74
C ASP A 872 18.89 -42.33 -14.77
N ARG A 873 19.61 -41.32 -14.29
CA ARG A 873 20.77 -41.49 -13.42
C ARG A 873 20.44 -40.96 -12.03
N TYR A 874 20.76 -41.75 -11.01
CA TYR A 874 20.56 -41.37 -9.62
C TYR A 874 21.89 -41.46 -8.89
N VAL A 875 22.27 -40.38 -8.20
CA VAL A 875 23.57 -40.31 -7.53
C VAL A 875 23.48 -40.98 -6.17
N GLN A 876 23.87 -42.24 -6.11
CA GLN A 876 23.86 -43.02 -4.86
C GLN A 876 25.29 -43.48 -4.60
N VAL A 877 26.04 -42.64 -3.88
CA VAL A 877 27.47 -42.88 -3.66
C VAL A 877 27.81 -42.56 -2.22
N PRO A 878 28.83 -43.21 -1.65
CA PRO A 878 29.21 -42.92 -0.27
C PRO A 878 29.51 -41.45 -0.03
N LEU A 879 29.23 -41.01 1.20
CA LEU A 879 29.26 -39.59 1.52
C LEU A 879 30.68 -39.01 1.45
N TYR A 880 31.65 -39.69 2.08
CA TYR A 880 33.01 -39.18 2.09
C TYR A 880 33.50 -38.89 0.67
N THR A 881 33.26 -39.81 -0.25
CA THR A 881 33.59 -39.56 -1.65
C THR A 881 32.80 -38.37 -2.19
N LYS A 882 31.48 -38.37 -1.96
CA LYS A 882 30.60 -37.40 -2.61
C LYS A 882 30.96 -35.96 -2.25
N ILE A 883 31.03 -35.67 -0.95
CA ILE A 883 31.03 -34.27 -0.51
C ILE A 883 32.24 -33.52 -1.03
N ILE A 884 33.37 -34.22 -1.15
CA ILE A 884 34.63 -33.57 -1.54
C ILE A 884 34.49 -32.99 -2.94
N LYS A 885 33.95 -33.76 -3.88
CA LYS A 885 33.80 -33.27 -5.24
C LYS A 885 32.83 -32.10 -5.31
N LEU A 886 31.73 -32.15 -4.56
CA LEU A 886 30.76 -31.05 -4.59
C LEU A 886 31.41 -29.75 -4.12
N PHE A 887 32.15 -29.80 -3.01
CA PHE A 887 32.77 -28.57 -2.52
C PHE A 887 33.91 -28.11 -3.42
N VAL A 888 34.67 -29.05 -3.99
CA VAL A 888 35.68 -28.68 -4.95
C VAL A 888 35.05 -27.98 -6.14
N SER A 889 33.88 -28.45 -6.57
CA SER A 889 33.18 -27.84 -7.69
C SER A 889 32.70 -26.44 -7.35
N GLU A 890 32.14 -26.27 -6.15
CA GLU A 890 31.73 -24.92 -5.74
C GLU A 890 32.92 -23.99 -5.72
N LEU A 891 34.06 -24.46 -5.20
CA LEU A 891 35.27 -23.65 -5.21
C LEU A 891 35.71 -23.33 -6.63
N SER A 892 35.62 -24.30 -7.53
CA SER A 892 36.00 -24.06 -8.92
C SER A 892 35.13 -23.00 -9.56
N PHE A 893 33.82 -23.06 -9.32
CA PHE A 893 32.94 -22.02 -9.85
C PHE A 893 33.32 -20.66 -9.26
N GLN A 894 33.57 -20.61 -7.95
CA GLN A 894 33.91 -19.33 -7.33
C GLN A 894 35.22 -18.78 -7.85
N SER A 895 36.13 -19.66 -8.30
CA SER A 895 37.34 -19.18 -8.95
C SER A 895 36.99 -18.27 -10.12
N LYS A 896 35.97 -18.63 -10.89
CA LYS A 896 35.41 -17.73 -11.87
C LYS A 896 34.45 -16.76 -11.18
N GLN A 897 34.67 -15.46 -11.37
CA GLN A 897 33.98 -14.46 -10.58
C GLN A 897 32.68 -14.06 -11.26
N PRO A 898 31.51 -14.34 -10.66
CA PRO A 898 30.25 -13.85 -11.24
C PRO A 898 29.90 -12.45 -10.76
N ASN A 899 29.67 -11.53 -11.70
CA ASN A 899 29.28 -10.17 -11.35
C ASN A 899 28.15 -9.69 -12.25
N ASP A 932 9.86 9.15 -13.60
CA ASP A 932 10.36 8.01 -12.83
C ASP A 932 9.26 6.98 -12.62
N TYR A 933 8.10 7.22 -13.22
CA TYR A 933 6.95 6.33 -13.02
C TYR A 933 7.26 4.93 -13.52
N ASP A 934 8.20 4.80 -14.47
CA ASP A 934 8.67 3.48 -14.85
C ASP A 934 9.44 2.82 -13.71
N LYS A 935 10.38 3.54 -13.12
CA LYS A 935 11.38 2.94 -12.25
C LYS A 935 10.77 2.34 -10.99
N LEU A 936 9.56 2.73 -10.62
CA LEU A 936 8.98 2.23 -9.37
C LEU A 936 8.73 0.71 -9.44
N LYS A 937 8.18 0.24 -10.56
CA LYS A 937 7.94 -1.20 -10.71
C LYS A 937 9.23 -1.98 -10.52
N GLU A 938 10.37 -1.39 -10.86
CA GLU A 938 11.64 -2.05 -10.63
C GLU A 938 12.11 -1.87 -9.19
N TYR A 939 11.76 -0.73 -8.58
CA TYR A 939 12.02 -0.56 -7.16
C TYR A 939 11.33 -1.64 -6.36
N ILE A 940 10.27 -2.22 -6.91
CA ILE A 940 9.71 -3.44 -6.32
C ILE A 940 10.69 -4.61 -6.46
N ASP A 941 11.05 -4.95 -7.69
CA ASP A 941 11.82 -6.17 -7.95
C ASP A 941 11.22 -7.36 -7.21
N GLY A 957 25.35 -18.12 8.76
CA GLY A 957 24.01 -17.74 9.18
C GLY A 957 23.88 -17.66 10.68
N LEU A 958 23.78 -18.81 11.32
CA LEU A 958 23.74 -18.85 12.78
C LEU A 958 25.01 -18.23 13.36
N MET A 959 26.09 -18.22 12.58
CA MET A 959 27.41 -17.71 12.95
C MET A 959 28.04 -17.06 11.73
N ASP A 960 28.97 -16.14 11.97
CA ASP A 960 29.65 -15.41 10.91
C ASP A 960 31.11 -15.85 10.85
N VAL A 961 31.57 -16.19 9.64
CA VAL A 961 32.95 -16.61 9.40
C VAL A 961 33.62 -15.54 8.55
N LYS A 962 34.71 -14.97 9.05
CA LYS A 962 35.41 -13.94 8.29
C LYS A 962 36.22 -14.56 7.15
N GLU A 963 36.72 -15.78 7.34
CA GLU A 963 37.48 -16.44 6.30
C GLU A 963 36.56 -16.88 5.16
N SER A 964 37.00 -16.63 3.93
CA SER A 964 36.22 -17.00 2.77
C SER A 964 36.25 -18.52 2.56
N VAL A 965 35.50 -18.97 1.56
CA VAL A 965 35.46 -20.39 1.24
C VAL A 965 36.85 -20.89 0.85
N VAL A 966 37.57 -20.10 0.05
CA VAL A 966 38.82 -20.58 -0.51
C VAL A 966 39.81 -20.93 0.58
N GLN A 967 39.96 -20.04 1.58
CA GLN A 967 40.96 -20.26 2.62
C GLN A 967 40.69 -21.54 3.40
N LEU A 968 39.46 -21.69 3.89
CA LEU A 968 39.13 -22.87 4.67
C LEU A 968 39.24 -24.13 3.83
N LEU A 969 38.78 -24.08 2.58
CA LEU A 969 38.85 -25.26 1.73
C LEU A 969 40.29 -25.66 1.47
N VAL A 970 41.16 -24.69 1.17
CA VAL A 970 42.54 -25.03 0.84
C VAL A 970 43.27 -25.57 2.06
N ARG A 971 43.06 -24.95 3.23
CA ARG A 971 43.73 -25.47 4.42
C ARG A 971 43.21 -26.86 4.77
N PHE A 972 41.89 -27.07 4.65
CA PHE A 972 41.31 -28.39 4.86
C PHE A 972 41.94 -29.42 3.92
N PHE A 973 42.04 -29.08 2.63
CA PHE A 973 42.53 -30.06 1.67
C PHE A 973 44.02 -30.33 1.87
N LYS A 974 44.78 -29.30 2.27
CA LYS A 974 46.18 -29.52 2.61
C LYS A 974 46.31 -30.45 3.81
N GLU A 975 45.47 -30.26 4.82
CA GLU A 975 45.62 -31.07 6.04
C GLU A 975 45.10 -32.49 5.84
N VAL A 976 44.13 -32.69 4.95
CA VAL A 976 43.49 -33.99 4.83
C VAL A 976 44.05 -34.80 3.66
N ALA A 977 44.22 -34.18 2.49
CA ALA A 977 44.71 -34.93 1.34
C ALA A 977 46.12 -35.48 1.61
N SER A 978 47.00 -34.66 2.18
CA SER A 978 48.32 -35.15 2.55
C SER A 978 48.21 -36.24 3.61
N LYS A 979 47.36 -36.04 4.61
CA LYS A 979 47.17 -37.01 5.68
C LYS A 979 46.05 -38.01 5.38
N ASP A 980 45.30 -37.81 4.31
CA ASP A 980 44.26 -38.74 3.86
C ASP A 980 43.40 -39.21 5.04
N VAL A 981 42.93 -38.26 5.83
CA VAL A 981 42.15 -38.59 7.02
C VAL A 981 40.79 -39.14 6.62
N SER A 982 40.30 -40.12 7.37
CA SER A 982 38.95 -40.66 7.20
C SER A 982 38.76 -41.30 5.83
N GLY A 983 39.64 -42.24 5.49
CA GLY A 983 39.54 -42.92 4.21
C GLY A 983 39.62 -41.99 3.03
N PHE A 984 40.33 -40.87 3.18
CA PHE A 984 40.43 -39.88 2.11
C PHE A 984 41.51 -40.23 1.10
N HIS A 985 42.33 -41.24 1.38
CA HIS A 985 43.32 -41.67 0.39
C HIS A 985 42.65 -42.28 -0.83
N CYS A 986 41.70 -43.19 -0.63
CA CYS A 986 40.96 -43.74 -1.77
C CYS A 986 40.24 -42.63 -2.53
N ILE A 987 39.58 -41.73 -1.79
CA ILE A 987 38.80 -40.67 -2.42
C ILE A 987 39.70 -39.78 -3.26
N TYR A 988 40.85 -39.40 -2.72
CA TYR A 988 41.73 -38.48 -3.43
C TYR A 988 42.43 -39.16 -4.61
N GLU A 989 42.83 -40.41 -4.44
CA GLU A 989 43.54 -41.11 -5.52
C GLU A 989 42.60 -41.45 -6.67
N THR A 990 41.35 -41.77 -6.36
CA THR A 990 40.34 -42.01 -7.38
C THR A 990 39.59 -40.74 -7.78
N LEU A 991 40.02 -39.59 -7.26
CA LEU A 991 39.36 -38.34 -7.61
C LEU A 991 39.60 -37.99 -9.08
N SER A 992 38.56 -37.48 -9.74
CA SER A 992 38.69 -37.07 -11.12
C SER A 992 39.49 -35.77 -11.20
N ASP A 993 40.32 -35.67 -12.25
CA ASP A 993 41.18 -34.51 -12.44
C ASP A 993 40.51 -33.42 -13.28
N SER A 994 39.25 -33.61 -13.68
CA SER A 994 38.57 -32.57 -14.44
C SER A 994 38.61 -31.23 -13.71
N GLU A 995 38.31 -31.24 -12.42
CA GLU A 995 38.37 -30.04 -11.60
C GLU A 995 39.36 -30.15 -10.44
N ARG A 996 40.14 -31.24 -10.35
CA ARG A 996 41.19 -31.28 -9.35
C ARG A 996 42.30 -30.28 -9.68
N LYS A 997 42.57 -30.07 -10.97
CA LYS A 997 43.51 -29.04 -11.37
C LYS A 997 42.93 -27.65 -11.12
N VAL A 998 41.63 -27.48 -11.38
CA VAL A 998 40.98 -26.20 -11.10
C VAL A 998 40.88 -25.98 -9.59
N LEU A 999 41.09 -27.03 -8.80
CA LEU A 999 41.05 -26.89 -7.35
C LEU A 999 42.11 -25.92 -6.85
N SER A 1000 43.34 -26.04 -7.38
CA SER A 1000 44.45 -25.24 -6.86
C SER A 1000 44.18 -23.75 -7.03
N GLU A 1001 43.36 -23.38 -7.99
CA GLU A 1001 43.02 -21.97 -8.22
C GLU A 1001 42.24 -21.41 -7.02
N ILE B 3 24.91 23.57 4.95
CA ILE B 3 23.46 23.55 4.63
C ILE B 3 23.01 22.11 4.34
N VAL B 4 22.26 21.53 5.28
CA VAL B 4 21.74 20.18 5.03
C VAL B 4 20.82 20.23 3.82
N PRO B 5 20.89 19.26 2.91
CA PRO B 5 20.02 19.32 1.72
C PRO B 5 18.67 18.67 1.99
N THR B 6 17.61 19.39 1.67
CA THR B 6 16.26 18.90 1.91
C THR B 6 15.96 17.72 0.99
N LEU B 7 15.35 16.69 1.57
CA LEU B 7 14.89 15.54 0.81
C LEU B 7 13.68 15.99 0.00
N GLN B 8 13.82 16.02 -1.34
CA GLN B 8 12.70 16.51 -2.14
C GLN B 8 11.69 15.42 -2.43
N ASN B 9 12.08 14.17 -2.23
CA ASN B 9 11.18 13.03 -2.41
C ASN B 9 11.72 11.87 -1.62
N ILE B 10 10.86 10.88 -1.39
CA ILE B 10 11.23 9.65 -0.71
C ILE B 10 10.52 8.49 -1.40
N VAL B 11 11.20 7.37 -1.52
CA VAL B 11 10.60 6.13 -1.98
C VAL B 11 10.52 5.21 -0.78
N ALA B 12 9.34 4.63 -0.56
CA ALA B 12 9.15 3.66 0.51
C ALA B 12 8.42 2.46 -0.07
N THR B 13 8.70 1.29 0.45
CA THR B 13 8.06 0.07 -0.02
C THR B 13 7.63 -0.78 1.16
N VAL B 14 6.62 -1.59 0.94
CA VAL B 14 6.03 -2.42 1.97
C VAL B 14 5.44 -3.65 1.31
N THR B 15 5.26 -4.71 2.08
CA THR B 15 4.69 -5.96 1.59
C THR B 15 3.37 -6.20 2.28
N LEU B 16 2.30 -5.69 1.69
CA LEU B 16 0.97 -5.93 2.24
C LEU B 16 0.72 -7.43 2.27
N GLY B 17 -0.02 -7.87 3.30
CA GLY B 17 0.00 -9.28 3.65
C GLY B 17 -0.45 -10.18 2.51
N CYS B 18 -1.40 -9.72 1.71
CA CYS B 18 -2.06 -10.59 0.74
C CYS B 18 -2.08 -9.94 -0.63
N ARG B 19 -2.31 -10.79 -1.63
CA ARG B 19 -2.57 -10.32 -2.99
C ARG B 19 -3.91 -9.58 -2.99
N LEU B 20 -4.05 -8.60 -3.86
CA LEU B 20 -5.27 -7.81 -3.96
C LEU B 20 -5.79 -7.80 -5.38
N ASP B 21 -7.10 -7.57 -5.50
CA ASP B 21 -7.72 -7.31 -6.80
C ASP B 21 -7.76 -5.81 -7.00
N LEU B 22 -6.97 -5.34 -7.96
CA LEU B 22 -6.95 -3.91 -8.28
C LEU B 22 -8.34 -3.36 -8.51
N LYS B 23 -9.16 -4.08 -9.28
CA LYS B 23 -10.49 -3.58 -9.62
C LYS B 23 -11.27 -3.22 -8.36
N THR B 24 -11.47 -4.18 -7.46
CA THR B 24 -12.17 -3.89 -6.20
C THR B 24 -11.70 -2.56 -5.59
N VAL B 25 -10.39 -2.36 -5.48
CA VAL B 25 -9.90 -1.09 -4.96
C VAL B 25 -10.46 0.06 -5.79
N ALA B 26 -10.33 -0.04 -7.11
CA ALA B 26 -10.93 0.96 -7.99
C ALA B 26 -12.44 0.95 -7.88
N LEU B 27 -13.03 -0.19 -7.50
CA LEU B 27 -14.46 -0.22 -7.24
C LEU B 27 -14.80 0.49 -5.93
N HIS B 28 -14.12 0.12 -4.84
CA HIS B 28 -14.52 0.58 -3.51
C HIS B 28 -14.01 1.98 -3.20
N ALA B 29 -12.68 2.15 -3.13
CA ALA B 29 -12.14 3.48 -2.86
C ALA B 29 -12.29 4.37 -4.08
N ARG B 30 -12.06 3.80 -5.26
CA ARG B 30 -12.43 4.30 -6.59
C ARG B 30 -11.81 5.65 -6.92
N ASN B 31 -11.01 6.24 -6.04
CA ASN B 31 -10.13 7.34 -6.43
C ASN B 31 -8.78 6.81 -6.90
N ALA B 32 -8.71 5.51 -7.15
CA ALA B 32 -7.54 4.89 -7.76
C ALA B 32 -7.85 4.67 -9.24
N GLU B 33 -6.99 5.19 -10.10
CA GLU B 33 -7.16 5.03 -11.54
C GLU B 33 -6.37 3.82 -11.98
N TYR B 34 -7.08 2.78 -12.43
CA TYR B 34 -6.48 1.51 -12.79
C TYR B 34 -6.78 1.23 -14.25
N ASN B 35 -5.76 1.35 -15.09
CA ASN B 35 -5.89 1.21 -16.53
C ASN B 35 -4.90 0.15 -17.00
N PRO B 36 -5.26 -1.13 -16.99
CA PRO B 36 -4.27 -2.17 -17.26
C PRO B 36 -3.50 -1.92 -18.55
N LYS B 37 -2.29 -2.48 -18.61
CA LYS B 37 -1.41 -2.51 -19.77
C LYS B 37 -0.73 -1.16 -19.99
N ARG B 38 -1.08 -0.13 -19.21
CA ARG B 38 -0.34 1.13 -19.17
C ARG B 38 -0.02 1.43 -17.72
N PHE B 39 1.21 1.15 -17.30
CA PHE B 39 1.60 1.37 -15.91
C PHE B 39 0.75 0.50 -14.99
N ALA B 40 0.83 -0.81 -15.24
CA ALA B 40 -0.15 -1.78 -14.75
C ALA B 40 0.02 -2.01 -13.24
N ALA B 41 -0.48 -1.05 -12.47
CA ALA B 41 -0.65 -1.19 -11.04
C ALA B 41 -1.41 0.04 -10.56
N VAL B 42 -2.24 -0.11 -9.54
CA VAL B 42 -3.19 0.97 -9.25
C VAL B 42 -2.46 2.12 -8.55
N ILE B 43 -2.69 3.30 -9.10
CA ILE B 43 -2.29 4.56 -8.47
C ILE B 43 -3.33 4.90 -7.42
N MET B 44 -2.87 5.25 -6.22
CA MET B 44 -3.72 5.93 -5.26
C MET B 44 -3.02 7.17 -4.74
N ARG B 45 -3.85 8.11 -4.30
CA ARG B 45 -3.42 9.37 -3.71
C ARG B 45 -4.36 9.68 -2.56
N ILE B 46 -3.86 10.39 -1.55
CA ILE B 46 -4.63 10.64 -0.35
C ILE B 46 -4.60 12.12 -0.03
N ARG B 47 -5.31 12.47 1.04
CA ARG B 47 -5.47 13.87 1.39
C ARG B 47 -4.19 14.43 2.01
N GLU B 48 -3.58 13.67 2.93
CA GLU B 48 -2.36 14.13 3.58
C GLU B 48 -1.61 12.94 4.14
N PRO B 49 -0.28 12.84 3.90
CA PRO B 49 0.51 13.77 3.09
C PRO B 49 0.31 13.52 1.61
N LYS B 50 0.70 14.44 0.75
CA LYS B 50 0.51 14.24 -0.68
C LYS B 50 1.51 13.21 -1.19
N THR B 51 0.99 12.10 -1.69
CA THR B 51 1.82 11.03 -2.22
C THR B 51 1.05 10.29 -3.29
N THR B 52 1.79 9.66 -4.19
CA THR B 52 1.25 8.62 -5.04
C THR B 52 1.71 7.29 -4.47
N ALA B 53 0.96 6.24 -4.75
CA ALA B 53 1.33 4.90 -4.31
C ALA B 53 0.86 3.89 -5.34
N LEU B 54 1.72 2.95 -5.67
CA LEU B 54 1.40 1.89 -6.62
C LEU B 54 1.06 0.64 -5.82
N ILE B 55 -0.21 0.46 -5.54
CA ILE B 55 -0.60 -0.84 -5.04
C ILE B 55 -0.50 -1.83 -6.20
N PHE B 56 0.14 -2.95 -5.93
CA PHE B 56 0.28 -4.02 -6.89
C PHE B 56 -0.68 -5.12 -6.49
N ALA B 57 -1.27 -5.77 -7.49
CA ALA B 57 -2.05 -6.96 -7.20
C ALA B 57 -1.20 -7.95 -6.43
N SER B 58 0.04 -8.17 -6.88
CA SER B 58 0.91 -9.17 -6.27
C SER B 58 1.13 -8.92 -4.79
N GLY B 59 0.69 -7.76 -4.29
CA GLY B 59 0.70 -7.48 -2.87
C GLY B 59 1.67 -6.42 -2.41
N LYS B 60 2.90 -6.40 -2.93
CA LYS B 60 3.86 -5.41 -2.48
C LYS B 60 3.40 -4.02 -2.92
N MET B 61 4.11 -3.00 -2.49
CA MET B 61 3.68 -1.63 -2.70
C MET B 61 4.85 -0.67 -2.59
N VAL B 62 4.77 0.40 -3.39
CA VAL B 62 5.70 1.52 -3.34
C VAL B 62 4.88 2.79 -3.15
N VAL B 63 5.49 3.78 -2.49
CA VAL B 63 4.84 5.05 -2.19
C VAL B 63 5.89 6.14 -2.28
N THR B 64 5.50 7.30 -2.80
CA THR B 64 6.41 8.42 -2.93
C THR B 64 5.65 9.72 -2.76
N GLY B 65 6.35 10.73 -2.24
CA GLY B 65 5.77 12.03 -1.97
C GLY B 65 6.10 12.59 -0.61
N ALA B 66 6.48 11.75 0.34
CA ALA B 66 6.78 12.23 1.68
C ALA B 66 8.04 13.08 1.69
N LYS B 67 8.02 14.13 2.48
CA LYS B 67 9.18 14.97 2.71
C LYS B 67 9.95 14.57 3.96
N SER B 68 9.74 13.35 4.46
CA SER B 68 10.45 12.87 5.63
C SER B 68 10.19 11.38 5.83
N GLU B 69 11.23 10.69 6.32
CA GLU B 69 11.08 9.29 6.71
C GLU B 69 9.78 9.06 7.46
N ASP B 70 9.54 9.82 8.52
CA ASP B 70 8.33 9.63 9.32
C ASP B 70 7.07 9.82 8.49
N ASP B 71 7.05 10.85 7.64
CA ASP B 71 5.89 11.08 6.80
C ASP B 71 5.68 9.95 5.81
N SER B 72 6.76 9.42 5.23
CA SER B 72 6.62 8.30 4.32
C SER B 72 6.00 7.11 5.03
N LYS B 73 6.46 6.84 6.25
CA LYS B 73 5.82 5.81 7.06
C LYS B 73 4.34 6.10 7.23
N LEU B 74 4.03 7.23 7.88
CA LEU B 74 2.65 7.61 8.14
C LEU B 74 1.77 7.41 6.91
N ALA B 75 2.28 7.75 5.73
CA ALA B 75 1.49 7.61 4.51
C ALA B 75 1.25 6.14 4.17
N SER B 76 2.33 5.37 4.06
CA SER B 76 2.16 3.97 3.70
C SER B 76 1.21 3.27 4.66
N ARG B 77 1.24 3.66 5.93
CA ARG B 77 0.29 3.10 6.90
C ARG B 77 -1.15 3.38 6.47
N LYS B 78 -1.45 4.62 6.09
CA LYS B 78 -2.80 4.95 5.67
C LYS B 78 -3.21 4.13 4.47
N TYR B 79 -2.29 3.93 3.52
CA TYR B 79 -2.63 3.11 2.35
C TYR B 79 -2.97 1.69 2.77
N ALA B 80 -2.18 1.12 3.67
CA ALA B 80 -2.49 -0.20 4.20
C ALA B 80 -3.86 -0.21 4.86
N ARG B 81 -4.14 0.79 5.70
CA ARG B 81 -5.42 0.84 6.38
C ARG B 81 -6.57 0.90 5.38
N ILE B 82 -6.44 1.74 4.36
CA ILE B 82 -7.52 1.92 3.40
C ILE B 82 -7.81 0.61 2.69
N ILE B 83 -6.77 -0.02 2.13
CA ILE B 83 -7.03 -1.25 1.39
C ILE B 83 -7.57 -2.33 2.32
N GLN B 84 -7.17 -2.31 3.59
CA GLN B 84 -7.72 -3.27 4.54
C GLN B 84 -9.22 -3.09 4.66
N LYS B 85 -9.70 -1.85 4.75
CA LYS B 85 -11.13 -1.62 4.77
C LYS B 85 -11.79 -2.19 3.51
N ILE B 86 -10.99 -2.40 2.46
CA ILE B 86 -11.52 -3.03 1.26
C ILE B 86 -11.38 -4.53 1.39
N GLY B 87 -12.29 -5.15 2.13
CA GLY B 87 -12.49 -6.60 2.06
C GLY B 87 -11.24 -7.44 1.99
N PHE B 88 -10.10 -6.95 2.48
CA PHE B 88 -8.88 -7.74 2.47
C PHE B 88 -8.18 -7.64 3.81
N ALA B 89 -7.27 -8.59 4.06
CA ALA B 89 -6.41 -8.61 5.23
C ALA B 89 -5.00 -8.28 4.77
N ALA B 90 -4.33 -7.39 5.50
CA ALA B 90 -2.95 -7.03 5.18
C ALA B 90 -2.25 -6.55 6.43
N LYS B 91 -1.16 -7.21 6.76
CA LYS B 91 -0.30 -6.83 7.87
C LYS B 91 0.84 -5.97 7.35
N PHE B 92 0.91 -4.73 7.82
CA PHE B 92 1.88 -3.77 7.34
C PHE B 92 3.25 -4.21 7.84
N THR B 93 4.06 -4.82 6.97
CA THR B 93 5.29 -5.46 7.38
C THR B 93 6.42 -5.08 6.43
N ASP B 94 7.64 -5.12 6.97
CA ASP B 94 8.86 -5.02 6.17
C ASP B 94 9.01 -3.64 5.52
N PHE B 95 8.41 -2.63 6.13
CA PHE B 95 8.56 -1.27 5.61
C PHE B 95 10.04 -0.96 5.46
N LYS B 96 10.37 -0.29 4.36
CA LYS B 96 11.76 0.04 4.07
C LYS B 96 11.80 1.19 3.08
N ILE B 97 12.91 1.92 3.09
CA ILE B 97 13.12 3.06 2.21
C ILE B 97 14.29 2.68 1.30
N GLN B 98 13.95 2.13 0.12
CA GLN B 98 15.00 1.67 -0.78
C GLN B 98 15.94 2.80 -1.18
N ASN B 99 15.40 3.97 -1.49
CA ASN B 99 16.26 5.13 -1.62
C ASN B 99 15.44 6.41 -1.67
N ILE B 100 16.13 7.52 -1.48
CA ILE B 100 15.55 8.85 -1.43
C ILE B 100 16.20 9.69 -2.51
N VAL B 101 15.83 10.96 -2.56
CA VAL B 101 16.54 11.96 -3.37
C VAL B 101 16.58 13.28 -2.62
N GLY B 102 17.76 13.87 -2.55
CA GLY B 102 17.98 15.10 -1.80
C GLY B 102 18.51 16.22 -2.66
N SER B 103 17.99 17.43 -2.50
CA SER B 103 18.33 18.55 -3.36
C SER B 103 18.74 19.75 -2.49
N CYS B 104 19.76 20.46 -2.95
CA CYS B 104 20.19 21.72 -2.33
C CYS B 104 21.01 22.52 -3.32
N ASP B 105 20.70 23.81 -3.46
CA ASP B 105 21.39 24.67 -4.42
C ASP B 105 22.34 25.58 -3.69
N VAL B 106 23.61 25.57 -4.11
CA VAL B 106 24.59 26.48 -3.54
C VAL B 106 24.28 27.91 -3.92
N LYS B 107 23.67 28.12 -5.08
CA LYS B 107 23.18 29.42 -5.57
C LYS B 107 24.32 30.30 -6.09
N PHE B 108 25.52 29.76 -6.27
CA PHE B 108 26.63 30.49 -6.86
C PHE B 108 27.40 29.56 -7.80
N PRO B 109 27.29 29.76 -9.12
CA PRO B 109 28.11 29.00 -10.05
C PRO B 109 29.58 28.99 -9.65
N ILE B 110 30.26 27.91 -10.01
CA ILE B 110 31.70 27.76 -9.79
C ILE B 110 32.32 27.32 -11.10
N ARG B 111 33.64 27.46 -11.19
CA ARG B 111 34.39 26.98 -12.35
C ARG B 111 34.44 25.47 -12.28
N LEU B 112 33.42 24.83 -12.83
CA LEU B 112 33.28 23.38 -12.76
C LEU B 112 34.06 22.65 -13.84
N GLU B 113 34.61 23.36 -14.82
CA GLU B 113 35.40 22.70 -15.85
C GLU B 113 36.58 21.95 -15.23
N GLY B 114 37.37 22.65 -14.41
CA GLY B 114 38.52 22.00 -13.80
C GLY B 114 38.13 21.04 -12.71
N LEU B 115 37.02 21.31 -12.02
CA LEU B 115 36.56 20.40 -10.97
C LEU B 115 36.12 19.07 -11.58
N ALA B 116 35.58 19.11 -12.80
CA ALA B 116 35.27 17.87 -13.49
C ALA B 116 36.53 17.07 -13.80
N PHE B 117 37.57 17.74 -14.29
CA PHE B 117 38.82 17.03 -14.58
C PHE B 117 39.46 16.49 -13.32
N SER B 118 39.26 17.19 -12.19
CA SER B 118 39.81 16.71 -10.92
C SER B 118 39.39 15.27 -10.67
N HIS B 119 38.17 14.92 -11.07
CA HIS B 119 37.73 13.53 -10.95
C HIS B 119 37.95 12.78 -12.25
N GLY B 120 37.37 13.27 -13.34
CA GLY B 120 37.66 12.74 -14.66
C GLY B 120 37.05 11.37 -14.91
N THR B 121 37.57 10.36 -14.20
CA THR B 121 37.02 9.01 -14.36
C THR B 121 35.59 8.95 -13.83
N PHE B 122 35.31 9.66 -12.73
CA PHE B 122 33.96 9.66 -12.18
C PHE B 122 33.07 10.67 -12.88
N SER B 123 33.48 11.94 -12.89
CA SER B 123 32.68 13.03 -13.42
C SER B 123 32.59 12.93 -14.94
N SER B 124 31.36 12.81 -15.44
CA SER B 124 31.08 12.86 -16.87
C SER B 124 30.30 14.12 -17.17
N TYR B 125 30.80 14.93 -18.10
CA TYR B 125 30.30 16.28 -18.32
C TYR B 125 30.08 16.49 -19.82
N GLU B 126 28.81 16.60 -20.22
CA GLU B 126 28.42 16.93 -21.60
C GLU B 126 27.32 17.98 -21.55
N PRO B 127 27.68 19.23 -21.21
CA PRO B 127 26.64 20.24 -20.97
C PRO B 127 25.71 20.46 -22.14
N GLU B 128 26.24 20.44 -23.37
CA GLU B 128 25.38 20.68 -24.53
C GLU B 128 24.30 19.62 -24.64
N LEU B 129 24.64 18.36 -24.36
CA LEU B 129 23.64 17.30 -24.36
C LEU B 129 22.54 17.58 -23.34
N PHE B 130 22.93 17.99 -22.13
CA PHE B 130 22.01 18.27 -21.05
C PHE B 130 22.79 18.93 -19.93
N PRO B 131 22.18 19.88 -19.20
CA PRO B 131 22.93 20.58 -18.15
C PRO B 131 23.24 19.67 -16.98
N GLY B 132 24.28 20.01 -16.24
CA GLY B 132 24.65 19.29 -15.05
C GLY B 132 25.92 18.46 -15.22
N LEU B 133 26.14 17.58 -14.26
CA LEU B 133 27.32 16.73 -14.21
C LEU B 133 27.04 15.57 -13.26
N ILE B 134 27.33 14.35 -13.72
CA ILE B 134 27.02 13.13 -12.98
C ILE B 134 28.30 12.66 -12.29
N TYR B 135 28.21 12.39 -10.99
CA TYR B 135 29.35 12.07 -10.15
C TYR B 135 29.04 10.88 -9.26
N ARG B 136 30.07 10.09 -8.97
CA ARG B 136 29.97 8.97 -8.03
C ARG B 136 30.87 9.25 -6.84
N MET B 137 30.35 9.03 -5.64
CA MET B 137 31.13 9.19 -4.41
C MET B 137 31.24 7.83 -3.71
N VAL B 138 32.44 7.53 -3.23
CA VAL B 138 32.76 6.15 -2.82
C VAL B 138 32.00 5.73 -1.57
N LYS B 139 32.01 6.57 -0.53
CA LYS B 139 31.57 6.16 0.80
C LYS B 139 30.31 6.89 1.22
N PRO B 140 29.10 6.31 1.07
CA PRO B 140 28.81 5.07 0.33
C PRO B 140 28.46 5.35 -1.13
N LYS B 141 27.99 4.34 -1.85
CA LYS B 141 27.64 4.53 -3.24
C LYS B 141 26.39 5.41 -3.36
N ILE B 142 26.50 6.45 -4.17
CA ILE B 142 25.42 7.43 -4.32
C ILE B 142 25.68 8.21 -5.60
N VAL B 143 24.62 8.47 -6.35
CA VAL B 143 24.70 9.28 -7.56
C VAL B 143 24.51 10.73 -7.18
N LEU B 144 25.37 11.61 -7.70
CA LEU B 144 25.32 13.04 -7.44
C LEU B 144 25.16 13.75 -8.77
N LEU B 145 24.26 14.72 -8.81
CA LEU B 145 24.11 15.62 -9.94
C LEU B 145 24.52 17.02 -9.50
N ILE B 146 25.53 17.56 -10.16
CA ILE B 146 26.15 18.83 -9.82
C ILE B 146 26.02 19.75 -11.02
N PHE B 147 25.31 20.85 -10.84
CA PHE B 147 24.97 21.75 -11.93
C PHE B 147 25.74 23.04 -11.82
N VAL B 148 26.27 23.50 -12.96
CA VAL B 148 26.87 24.83 -13.03
C VAL B 148 25.90 25.87 -12.48
N SER B 149 24.59 25.61 -12.60
CA SER B 149 23.61 26.48 -11.97
C SER B 149 23.82 26.53 -10.47
N GLY B 150 24.16 25.40 -9.86
CA GLY B 150 24.43 25.34 -8.43
C GLY B 150 23.65 24.27 -7.71
N LYS B 151 22.53 23.83 -8.28
CA LYS B 151 21.72 22.82 -7.65
C LYS B 151 22.45 21.47 -7.63
N ILE B 152 22.39 20.81 -6.48
CA ILE B 152 22.95 19.47 -6.29
C ILE B 152 21.79 18.54 -5.97
N VAL B 153 21.68 17.45 -6.73
CA VAL B 153 20.75 16.37 -6.47
C VAL B 153 21.56 15.16 -6.03
N LEU B 154 20.96 14.31 -5.22
CA LEU B 154 21.61 13.09 -4.75
C LEU B 154 20.57 11.99 -4.70
N THR B 155 20.96 10.77 -5.09
CA THR B 155 20.06 9.63 -5.07
C THR B 155 20.84 8.35 -4.80
N GLY B 156 20.11 7.34 -4.31
CA GLY B 156 20.70 6.07 -3.93
C GLY B 156 20.84 5.86 -2.44
N ALA B 157 20.71 6.89 -1.63
CA ALA B 157 20.88 6.76 -0.20
C ALA B 157 19.79 5.86 0.39
N LYS B 158 19.92 5.58 1.70
CA LYS B 158 18.88 4.91 2.46
C LYS B 158 18.41 5.70 3.68
N GLN B 159 19.25 6.59 4.21
CA GLN B 159 18.87 7.40 5.36
C GLN B 159 19.47 8.79 5.21
N ARG B 160 19.02 9.70 6.06
CA ARG B 160 19.43 11.09 5.94
C ARG B 160 20.94 11.23 6.15
N GLU B 161 21.54 10.34 6.95
CA GLU B 161 22.96 10.46 7.23
C GLU B 161 23.78 10.30 5.97
N GLU B 162 23.43 9.33 5.12
CA GLU B 162 24.15 9.14 3.87
C GLU B 162 24.11 10.41 3.02
N ILE B 163 22.93 11.02 2.91
CA ILE B 163 22.80 12.22 2.09
C ILE B 163 23.63 13.35 2.66
N TYR B 164 23.53 13.57 3.97
CA TYR B 164 24.30 14.65 4.60
C TYR B 164 25.80 14.45 4.43
N GLN B 165 26.27 13.22 4.65
CA GLN B 165 27.71 12.98 4.57
C GLN B 165 28.21 13.08 3.13
N ALA B 166 27.43 12.61 2.16
CA ALA B 166 27.85 12.78 0.77
C ALA B 166 27.88 14.25 0.38
N PHE B 167 26.85 14.99 0.80
CA PHE B 167 26.86 16.44 0.62
C PHE B 167 28.15 17.04 1.15
N GLU B 168 28.48 16.76 2.41
CA GLU B 168 29.65 17.40 3.01
C GLU B 168 30.94 16.92 2.37
N ALA B 169 31.00 15.64 1.97
CA ALA B 169 32.21 15.10 1.37
C ALA B 169 32.50 15.76 0.04
N ILE B 170 31.46 15.98 -0.79
CA ILE B 170 31.66 16.61 -2.08
C ILE B 170 31.63 18.13 -1.99
N TYR B 171 31.24 18.69 -0.85
CA TYR B 171 31.10 20.13 -0.74
C TYR B 171 32.42 20.88 -0.95
N PRO B 172 33.52 20.57 -0.24
CA PRO B 172 34.77 21.31 -0.50
C PRO B 172 35.27 21.15 -1.91
N VAL B 173 35.14 19.96 -2.49
CA VAL B 173 35.63 19.73 -3.84
C VAL B 173 34.98 20.71 -4.81
N LEU B 174 33.67 20.87 -4.72
CA LEU B 174 32.98 21.82 -5.59
C LEU B 174 33.26 23.25 -5.16
N SER B 175 33.50 23.48 -3.87
CA SER B 175 33.79 24.81 -3.35
C SER B 175 35.12 25.32 -3.88
#